data_4RQF
#
_entry.id   4RQF
#
_cell.length_a   160.377
_cell.length_b   108.894
_cell.length_c   89.491
_cell.angle_alpha   90.00
_cell.angle_beta   90.00
_cell.angle_gamma   90.00
#
_symmetry.space_group_name_H-M   'P 21 21 2'
#
loop_
_entity.id
_entity.type
_entity.pdbx_description
1 polymer 'selenocysteine tRNA'
2 polymer 'Serine--tRNA ligase, cytoplasmic'
3 non-polymer 'PHOSPHOAMINOPHOSPHONIC ACID-ADENYLATE ESTER'
4 non-polymer SERINE
#
loop_
_entity_poly.entity_id
_entity_poly.type
_entity_poly.pdbx_seq_one_letter_code
_entity_poly.pdbx_strand_id
1 'polyribonucleotide'
;GGCCGGAUGAUCCUCAGUGGUCUGGGGUGCAGGCUUCAAACCUGUAGCUGUCUAGCGACAGAGUGGUUCAAUUCCACCUU
UCGGGCGCCA
;
C
2 'polypeptide(L)'
;MVLDLDLFRVDKGGDPALIRETQEKRFKDPGLVDQLVKADSEWRRCRFRADNLNKLKNLCSKTIGEKMKKKEPVGDDESV
PENVLSFDDLTADALANLKVSQIKKVRLLIDEAILKCDAERIKLEAERFENLREIGNLLHPSVPISNDEDVDNKVERIWG
DCTVRKKYSHVDLVVMVDGFEGEKGAVVAGSRGYFLKGVLVFLEQALIQYALRTLGSRGYIPIYTPFFMRKEVMQEVAQL
SQFDEELYKVIGKGSEKSDDNSYDEKYLIATSEQPIAALHRDEWLRPEDLPIKYAGLSTCFRQEVGSHGRDTRGIFRVHQ
FEKIEQFVYSSPHDNKSWEMFEEMITTAEEFYQSLGIPYHIVNIVSGSLNHAASKKLDLEAWFPGSGAFRELVSCSNCTD
YQARRLRIRYGQTKKMMDKVEFVHMLNATMCATTRTICAILENYQTKKGITVPEKLKEFMPPGLQELIPFVKPAPIEQEP
SKKQKKQHEGSKKKAAARDVTLENRLQNMEVTDALEHHHHHH
;
A,B
#
loop_
_chem_comp.id
_chem_comp.type
_chem_comp.name
_chem_comp.formula
A RNA linking ADENOSINE-5'-MONOPHOSPHATE 'C10 H14 N5 O7 P'
ANP non-polymer 'PHOSPHOAMINOPHOSPHONIC ACID-ADENYLATE ESTER' 'C10 H17 N6 O12 P3'
C RNA linking CYTIDINE-5'-MONOPHOSPHATE 'C9 H14 N3 O8 P'
G RNA linking GUANOSINE-5'-MONOPHOSPHATE 'C10 H14 N5 O8 P'
U RNA linking URIDINE-5'-MONOPHOSPHATE 'C9 H13 N2 O9 P'
#
# COMPACT_ATOMS: atom_id res chain seq x y z
N VAL B 2 19.72 18.71 7.11
CA VAL B 2 20.22 19.92 6.41
C VAL B 2 21.17 20.69 7.33
N LEU B 3 22.45 20.74 6.96
CA LEU B 3 23.42 21.39 7.83
C LEU B 3 23.16 22.89 7.95
N ASP B 4 23.60 23.45 9.07
CA ASP B 4 23.52 24.90 9.32
C ASP B 4 24.29 25.71 8.27
N LEU B 5 23.68 26.78 7.79
CA LEU B 5 24.34 27.63 6.79
C LEU B 5 25.57 28.37 7.33
N ASP B 6 25.62 28.64 8.63
CA ASP B 6 26.77 29.34 9.21
C ASP B 6 28.07 28.56 9.08
N LEU B 7 27.96 27.25 8.90
CA LEU B 7 29.12 26.43 8.65
C LEU B 7 29.78 26.74 7.32
N PHE B 8 29.06 27.35 6.40
CA PHE B 8 29.61 27.75 5.10
C PHE B 8 30.14 29.17 5.11
N ARG B 9 29.51 30.02 5.91
CA ARG B 9 30.00 31.36 6.10
C ARG B 9 31.25 31.29 6.96
N VAL B 10 32.38 31.75 6.40
CA VAL B 10 33.61 31.97 7.19
C VAL B 10 33.53 33.30 7.91
N ASP B 11 32.61 34.15 7.46
CA ASP B 11 32.27 35.41 8.13
C ASP B 11 31.70 35.12 9.52
N LYS B 12 30.84 34.12 9.60
CA LYS B 12 30.15 33.77 10.85
C LYS B 12 31.01 32.75 11.62
N GLY B 13 30.36 31.78 12.27
CA GLY B 13 31.06 30.86 13.15
C GLY B 13 31.95 29.82 12.46
N GLY B 14 31.45 29.22 11.38
CA GLY B 14 32.02 27.97 10.86
C GLY B 14 33.03 28.05 9.74
N ASP B 15 33.53 26.88 9.36
CA ASP B 15 34.40 26.74 8.20
C ASP B 15 33.93 25.60 7.30
N PRO B 16 33.86 25.86 5.99
CA PRO B 16 33.45 24.83 5.07
C PRO B 16 34.54 23.77 4.81
N ALA B 17 35.81 24.10 5.04
CA ALA B 17 36.89 23.16 4.75
C ALA B 17 36.69 21.84 5.47
N LEU B 18 36.03 21.89 6.63
CA LEU B 18 35.63 20.69 7.39
C LEU B 18 34.51 19.96 6.69
N ILE B 19 33.56 20.72 6.16
CA ILE B 19 32.48 20.13 5.40
C ILE B 19 33.11 19.36 4.23
N ARG B 20 33.80 20.06 3.35
CA ARG B 20 34.45 19.41 2.22
C ARG B 20 35.09 18.11 2.70
N GLU B 21 35.94 18.19 3.71
CA GLU B 21 36.64 17.01 4.21
C GLU B 21 35.65 15.90 4.57
N THR B 22 34.50 16.27 5.15
CA THR B 22 33.48 15.31 5.59
C THR B 22 32.67 14.78 4.44
N GLN B 23 32.66 15.52 3.33
CA GLN B 23 32.11 15.03 2.07
C GLN B 23 33.06 14.01 1.42
N GLU B 24 34.35 14.32 1.41
CA GLU B 24 35.36 13.38 0.93
C GLU B 24 35.34 12.11 1.74
N LYS B 25 35.29 12.24 3.06
CA LYS B 25 35.18 11.08 3.91
C LYS B 25 33.94 10.25 3.56
N ARG B 26 32.82 10.91 3.24
CA ARG B 26 31.61 10.20 2.82
C ARG B 26 31.78 9.62 1.42
N PHE B 27 32.81 10.07 0.71
CA PHE B 27 33.09 9.66 -0.65
C PHE B 27 32.00 10.12 -1.60
N LYS B 28 31.27 11.18 -1.23
CA LYS B 28 30.45 11.90 -2.19
C LYS B 28 31.30 13.05 -2.72
N ASP B 29 31.27 13.27 -4.03
CA ASP B 29 32.14 14.27 -4.65
C ASP B 29 31.84 15.65 -4.04
N PRO B 30 32.88 16.36 -3.57
CA PRO B 30 32.73 17.74 -3.09
C PRO B 30 32.34 18.68 -4.20
N GLY B 31 32.74 19.94 -4.08
CA GLY B 31 32.32 20.95 -5.03
C GLY B 31 30.96 21.48 -4.61
N LEU B 32 30.03 20.55 -4.36
CA LEU B 32 28.71 20.87 -3.84
C LEU B 32 28.85 21.91 -2.75
N VAL B 33 29.93 21.83 -1.97
CA VAL B 33 30.19 22.79 -0.92
C VAL B 33 30.55 24.14 -1.53
N ASP B 34 31.26 24.15 -2.64
CA ASP B 34 31.66 25.41 -3.22
C ASP B 34 30.58 25.98 -4.12
N GLN B 35 29.79 25.12 -4.75
CA GLN B 35 28.57 25.57 -5.44
C GLN B 35 27.66 26.24 -4.41
N LEU B 36 27.54 25.59 -3.25
CA LEU B 36 26.83 26.17 -2.12
C LEU B 36 27.38 27.57 -1.84
N VAL B 37 28.68 27.67 -1.57
CA VAL B 37 29.27 28.93 -1.08
C VAL B 37 29.15 30.08 -2.09
N LYS B 38 29.28 29.77 -3.38
CA LYS B 38 29.16 30.79 -4.39
C LYS B 38 27.74 31.31 -4.42
N ALA B 39 26.79 30.38 -4.58
CA ALA B 39 25.34 30.64 -4.65
C ALA B 39 24.84 31.41 -3.44
N ASP B 40 25.29 31.01 -2.26
CA ASP B 40 25.05 31.77 -1.05
C ASP B 40 25.63 33.20 -1.15
N SER B 41 26.92 33.31 -1.45
CA SER B 41 27.62 34.61 -1.52
C SER B 41 26.99 35.56 -2.53
N GLU B 42 26.55 35.01 -3.64
CA GLU B 42 25.82 35.77 -4.64
C GLU B 42 24.48 36.23 -4.04
N TRP B 43 23.79 35.32 -3.37
CA TRP B 43 22.50 35.61 -2.73
C TRP B 43 22.60 36.63 -1.61
N ARG B 44 23.77 36.74 -1.00
CA ARG B 44 24.00 37.79 -0.02
C ARG B 44 24.11 39.10 -0.76
N ARG B 45 24.91 39.13 -1.81
CA ARG B 45 25.12 40.37 -2.54
C ARG B 45 23.80 40.85 -3.12
N CYS B 46 22.99 39.92 -3.60
CA CYS B 46 21.71 40.25 -4.25
C CYS B 46 20.59 40.62 -3.27
N ARG B 47 20.68 40.11 -2.05
CA ARG B 47 19.80 40.48 -0.96
C ARG B 47 20.24 41.81 -0.34
N PHE B 48 21.50 42.15 -0.52
CA PHE B 48 22.02 43.45 -0.12
C PHE B 48 21.56 44.53 -1.10
N ARG B 49 21.68 44.24 -2.40
CA ARG B 49 21.20 45.14 -3.45
C ARG B 49 19.71 45.36 -3.32
N ALA B 50 18.94 44.26 -3.30
CA ALA B 50 17.48 44.31 -3.12
C ALA B 50 17.09 45.17 -1.93
N ASP B 51 17.79 45.00 -0.81
CA ASP B 51 17.61 45.87 0.36
C ASP B 51 17.81 47.31 -0.06
N ASN B 52 19.04 47.66 -0.46
CA ASN B 52 19.36 49.06 -0.79
C ASN B 52 18.39 49.73 -1.74
N LEU B 53 17.89 48.96 -2.71
CA LEU B 53 16.93 49.47 -3.67
C LEU B 53 15.59 49.82 -3.01
N ASN B 54 15.13 48.97 -2.10
CA ASN B 54 13.92 49.27 -1.35
C ASN B 54 14.14 50.44 -0.41
N LYS B 55 15.38 50.63 0.05
CA LYS B 55 15.75 51.78 0.88
C LYS B 55 15.66 53.09 0.12
N LEU B 56 15.92 53.04 -1.20
CA LEU B 56 15.69 54.19 -2.07
C LEU B 56 14.21 54.33 -2.43
N LYS B 57 13.56 53.22 -2.71
CA LYS B 57 12.14 53.21 -2.99
C LYS B 57 11.38 53.98 -1.90
N ASN B 58 11.81 53.81 -0.65
CA ASN B 58 11.22 54.56 0.47
C ASN B 58 11.85 55.95 0.64
N LEU B 59 13.16 56.05 0.40
CA LEU B 59 13.84 57.33 0.46
C LEU B 59 13.12 58.38 -0.38
N CYS B 60 12.55 57.98 -1.51
CA CYS B 60 11.89 58.89 -2.45
C CYS B 60 10.49 59.40 -2.08
N SER B 61 9.67 58.56 -1.49
CA SER B 61 8.43 59.05 -0.92
C SER B 61 8.70 59.92 0.32
N LYS B 62 9.87 59.73 0.95
CA LYS B 62 10.38 60.62 2.01
C LYS B 62 10.76 62.03 1.49
N THR B 63 11.48 62.06 0.37
CA THR B 63 11.80 63.33 -0.33
C THR B 63 10.49 64.03 -0.77
N ILE B 64 9.57 63.29 -1.41
CA ILE B 64 8.24 63.84 -1.76
C ILE B 64 7.37 64.07 -0.53
N PHE B 87 21.30 63.93 -12.54
CA PHE B 87 20.99 62.76 -13.37
C PHE B 87 22.02 61.63 -13.18
N ASP B 88 22.20 61.24 -11.92
CA ASP B 88 23.06 60.10 -11.53
C ASP B 88 22.24 59.13 -10.68
N ASP B 89 22.29 57.82 -11.00
CA ASP B 89 21.49 56.81 -10.28
C ASP B 89 22.29 55.73 -9.54
N LEU B 90 23.53 55.47 -9.97
CA LEU B 90 24.33 54.40 -9.38
C LEU B 90 24.18 54.38 -7.86
N THR B 91 24.46 55.51 -7.22
CA THR B 91 24.21 55.68 -5.79
C THR B 91 23.60 57.08 -5.57
N ALA B 92 22.62 57.15 -4.66
CA ALA B 92 21.92 58.40 -4.38
C ALA B 92 22.43 59.02 -3.09
N ASP B 93 22.36 60.35 -3.02
CA ASP B 93 22.74 61.11 -1.84
C ASP B 93 21.46 61.54 -1.10
N ALA B 94 21.59 62.48 -0.17
CA ALA B 94 20.43 63.07 0.48
C ALA B 94 19.71 64.00 -0.50
N LEU B 95 19.10 63.39 -1.53
CA LEU B 95 18.57 64.13 -2.67
C LEU B 95 17.28 64.88 -2.33
N ALA B 96 17.20 66.11 -2.82
CA ALA B 96 15.99 66.94 -2.68
C ALA B 96 15.69 67.78 -3.94
N ASN B 97 16.71 67.98 -4.79
CA ASN B 97 16.58 68.72 -6.05
C ASN B 97 15.70 68.02 -7.08
N LEU B 98 14.98 68.79 -7.90
CA LEU B 98 13.99 68.26 -8.87
C LEU B 98 12.81 67.62 -8.14
N LYS B 99 11.84 67.14 -8.89
CA LYS B 99 10.62 66.60 -8.30
C LYS B 99 9.80 65.87 -9.34
N VAL B 100 8.49 65.76 -9.05
CA VAL B 100 7.44 65.23 -9.97
C VAL B 100 7.90 64.23 -11.08
N SER B 101 8.29 64.74 -12.25
CA SER B 101 8.72 63.89 -13.39
C SER B 101 10.16 63.41 -13.27
N GLN B 102 11.04 64.28 -12.78
CA GLN B 102 12.47 63.98 -12.60
C GLN B 102 12.73 62.88 -11.58
N ILE B 103 11.99 62.89 -10.47
CA ILE B 103 12.10 61.82 -9.46
C ILE B 103 11.36 60.52 -9.88
N LYS B 104 10.15 60.65 -10.41
CA LYS B 104 9.33 59.48 -10.85
C LYS B 104 10.08 58.56 -11.81
N LYS B 105 10.61 59.14 -12.89
CA LYS B 105 11.37 58.38 -13.87
C LYS B 105 12.46 57.54 -13.19
N VAL B 106 13.21 58.15 -12.27
CA VAL B 106 14.26 57.46 -11.52
C VAL B 106 13.68 56.28 -10.75
N ARG B 107 12.58 56.53 -10.06
CA ARG B 107 11.93 55.50 -9.23
C ARG B 107 11.37 54.34 -10.09
N LEU B 108 10.90 54.64 -11.29
CA LEU B 108 10.44 53.60 -12.22
C LEU B 108 11.61 52.76 -12.77
N LEU B 109 12.75 53.41 -13.02
CA LEU B 109 14.04 52.76 -13.40
C LEU B 109 14.64 51.87 -12.28
N ILE B 110 14.53 52.36 -11.05
CA ILE B 110 14.83 51.56 -9.88
C ILE B 110 13.96 50.30 -9.79
N ASP B 111 12.68 50.44 -10.15
CA ASP B 111 11.74 49.32 -10.14
C ASP B 111 12.09 48.24 -11.16
N GLU B 112 12.66 48.64 -12.27
CA GLU B 112 13.18 47.69 -13.22
C GLU B 112 14.32 46.94 -12.52
N ALA B 113 15.16 47.68 -11.80
CA ALA B 113 16.30 47.09 -11.07
C ALA B 113 15.88 46.07 -10.02
N ILE B 114 14.76 46.32 -9.34
CA ILE B 114 14.28 45.37 -8.32
C ILE B 114 13.64 44.13 -8.94
N LEU B 115 13.00 44.27 -10.09
CA LEU B 115 12.47 43.10 -10.76
C LEU B 115 13.61 42.16 -11.12
N LYS B 116 14.71 42.73 -11.62
CA LYS B 116 15.86 41.91 -12.06
C LYS B 116 16.56 41.30 -10.88
N CYS B 117 16.67 42.04 -9.78
CA CYS B 117 17.28 41.50 -8.56
C CYS B 117 16.36 40.54 -7.85
N ASP B 118 15.05 40.60 -8.14
CA ASP B 118 14.11 39.60 -7.62
C ASP B 118 14.24 38.27 -8.35
N ALA B 119 14.25 38.30 -9.66
CA ALA B 119 14.43 37.08 -10.42
C ALA B 119 15.73 36.40 -10.00
N GLU B 120 16.75 37.22 -9.79
CA GLU B 120 18.08 36.73 -9.38
C GLU B 120 17.98 36.05 -8.04
N ARG B 121 17.43 36.75 -7.06
CA ARG B 121 17.39 36.23 -5.71
C ARG B 121 16.69 34.86 -5.66
N ILE B 122 15.55 34.76 -6.35
CA ILE B 122 14.74 33.53 -6.35
C ILE B 122 15.54 32.36 -6.93
N LYS B 123 16.20 32.61 -8.05
CA LYS B 123 17.08 31.63 -8.69
C LYS B 123 18.16 31.14 -7.73
N LEU B 124 18.89 32.09 -7.10
CA LEU B 124 19.99 31.76 -6.17
C LEU B 124 19.54 31.04 -4.92
N GLU B 125 18.50 31.57 -4.28
CA GLU B 125 17.89 30.92 -3.13
C GLU B 125 17.57 29.44 -3.43
N ALA B 126 16.81 29.22 -4.49
CA ALA B 126 16.40 27.90 -4.92
C ALA B 126 17.57 26.98 -5.12
N GLU B 127 18.61 27.50 -5.80
CA GLU B 127 19.78 26.69 -6.22
C GLU B 127 20.82 26.53 -5.13
N ARG B 128 20.92 27.53 -4.26
CA ARG B 128 21.74 27.35 -3.08
C ARG B 128 21.20 26.19 -2.26
N PHE B 129 19.91 26.24 -1.95
CA PHE B 129 19.25 25.17 -1.19
C PHE B 129 19.25 23.84 -1.92
N GLU B 130 19.26 23.87 -3.25
CA GLU B 130 19.36 22.65 -4.02
C GLU B 130 20.64 21.93 -3.63
N ASN B 131 21.74 22.70 -3.56
CA ASN B 131 23.07 22.20 -3.15
C ASN B 131 23.12 21.73 -1.70
N LEU B 132 22.45 22.47 -0.82
CA LEU B 132 22.44 22.19 0.62
C LEU B 132 21.70 20.89 0.94
N ARG B 133 20.60 20.66 0.22
CA ARG B 133 19.73 19.49 0.37
C ARG B 133 20.51 18.18 0.30
N GLU B 134 21.52 18.11 -0.58
CA GLU B 134 22.28 16.88 -0.78
C GLU B 134 23.72 16.99 -0.28
N ILE B 135 23.88 17.52 0.93
CA ILE B 135 25.18 17.50 1.60
C ILE B 135 25.02 16.79 2.93
N GLY B 136 25.84 15.77 3.15
CA GLY B 136 25.69 14.85 4.26
C GLY B 136 25.99 15.45 5.61
N ASN B 137 25.40 14.85 6.64
CA ASN B 137 25.57 15.28 8.01
C ASN B 137 27.04 15.12 8.45
N LEU B 138 27.37 15.67 9.61
CA LEU B 138 28.71 15.51 10.13
C LEU B 138 28.94 14.06 10.62
N LEU B 139 30.20 13.67 10.70
CA LEU B 139 30.57 12.31 11.08
C LEU B 139 31.13 12.22 12.49
N HIS B 140 30.71 11.20 13.22
CA HIS B 140 31.34 10.87 14.47
C HIS B 140 32.74 10.36 14.14
N PRO B 141 33.72 10.61 15.02
CA PRO B 141 35.06 10.18 14.66
C PRO B 141 35.16 8.68 14.59
N SER B 142 34.49 8.00 15.51
CA SER B 142 34.58 6.55 15.57
C SER B 142 34.17 5.85 14.29
N VAL B 143 33.44 6.53 13.41
CA VAL B 143 33.04 5.91 12.14
C VAL B 143 34.28 5.64 11.27
N PRO B 144 34.37 4.42 10.68
CA PRO B 144 35.38 4.05 9.69
C PRO B 144 35.32 4.90 8.42
N ILE B 145 36.45 5.31 7.89
CA ILE B 145 36.48 6.19 6.74
C ILE B 145 36.98 5.39 5.54
N SER B 146 36.10 4.60 4.95
CA SER B 146 36.44 3.95 3.68
C SER B 146 35.17 3.69 2.91
N ASN B 147 35.33 3.43 1.62
CA ASN B 147 34.18 3.19 0.77
C ASN B 147 33.75 1.73 0.66
N ASP B 148 34.73 0.83 0.72
CA ASP B 148 34.50 -0.63 0.69
C ASP B 148 33.97 -1.11 2.05
N GLU B 149 32.82 -1.81 2.03
CA GLU B 149 32.14 -2.21 3.27
C GLU B 149 32.59 -3.59 3.73
N ASP B 150 32.70 -4.53 2.80
CA ASP B 150 33.13 -5.87 3.14
C ASP B 150 34.46 -5.80 3.88
N VAL B 151 35.40 -5.03 3.32
CA VAL B 151 36.79 -5.02 3.78
C VAL B 151 36.98 -4.21 5.07
N ASP B 152 36.48 -2.98 5.08
CA ASP B 152 36.79 -2.01 6.13
C ASP B 152 35.69 -1.86 7.20
N ASN B 153 34.66 -2.71 7.18
CA ASN B 153 33.67 -2.71 8.26
C ASN B 153 34.26 -3.36 9.49
N LYS B 154 34.03 -2.74 10.65
CA LYS B 154 34.53 -3.26 11.92
C LYS B 154 33.44 -3.85 12.78
N VAL B 155 33.67 -5.08 13.22
CA VAL B 155 32.78 -5.71 14.18
C VAL B 155 33.19 -5.15 15.53
N GLU B 156 32.20 -4.76 16.32
CA GLU B 156 32.48 -4.29 17.66
C GLU B 156 32.28 -5.42 18.63
N ARG B 157 31.06 -5.93 18.70
CA ARG B 157 30.70 -6.97 19.64
C ARG B 157 30.35 -8.25 18.86
N ILE B 158 30.41 -9.39 19.54
CA ILE B 158 29.97 -10.67 18.98
C ILE B 158 29.22 -11.41 20.07
N TRP B 159 28.08 -11.97 19.73
CA TRP B 159 27.26 -12.65 20.73
C TRP B 159 26.89 -14.00 20.17
N GLY B 160 26.59 -14.93 21.06
CA GLY B 160 26.10 -16.26 20.68
C GLY B 160 27.10 -17.12 19.93
N ASP B 161 26.58 -18.20 19.35
CA ASP B 161 27.38 -19.17 18.61
C ASP B 161 27.38 -18.80 17.13
N CYS B 162 28.53 -18.36 16.62
CA CYS B 162 28.61 -17.72 15.30
C CYS B 162 29.17 -18.60 14.18
N THR B 163 29.62 -19.82 14.51
CA THR B 163 30.27 -20.70 13.52
C THR B 163 29.47 -21.98 13.15
N VAL B 164 28.40 -22.29 13.90
CA VAL B 164 27.60 -23.50 13.65
C VAL B 164 26.81 -23.38 12.36
N ARG B 165 26.44 -24.50 11.76
CA ARG B 165 25.62 -24.51 10.54
C ARG B 165 24.57 -25.60 10.53
N LYS B 166 23.53 -25.41 9.72
CA LYS B 166 22.42 -26.37 9.61
C LYS B 166 21.96 -26.69 8.18
N LYS B 167 22.62 -26.13 7.16
CA LYS B 167 22.39 -26.50 5.76
C LYS B 167 21.03 -26.14 5.08
N TYR B 168 19.87 -26.40 5.72
CA TYR B 168 18.55 -26.03 5.12
C TYR B 168 18.24 -24.52 5.23
N SER B 169 18.33 -23.80 4.11
CA SER B 169 18.21 -22.34 4.11
C SER B 169 16.80 -21.86 4.41
N HIS B 170 16.66 -20.56 4.67
CA HIS B 170 15.37 -19.96 5.06
C HIS B 170 14.32 -19.96 3.97
N VAL B 171 14.77 -20.20 2.75
CA VAL B 171 13.87 -20.34 1.64
C VAL B 171 13.17 -21.67 1.78
N ASP B 172 13.96 -22.73 1.80
CA ASP B 172 13.41 -24.07 1.87
C ASP B 172 12.57 -24.21 3.13
N LEU B 173 13.05 -23.61 4.21
CA LEU B 173 12.37 -23.69 5.48
C LEU B 173 10.99 -23.05 5.40
N VAL B 174 10.95 -21.84 4.84
CA VAL B 174 9.70 -21.11 4.77
C VAL B 174 8.68 -21.89 3.95
N VAL B 175 9.18 -22.58 2.92
CA VAL B 175 8.36 -23.44 2.06
C VAL B 175 7.86 -24.63 2.86
N MET B 176 8.82 -25.40 3.41
CA MET B 176 8.54 -26.60 4.20
C MET B 176 7.50 -26.45 5.30
N VAL B 177 7.20 -25.22 5.71
CA VAL B 177 6.19 -25.02 6.75
C VAL B 177 4.83 -24.71 6.15
N ASP B 178 4.80 -24.49 4.83
CA ASP B 178 3.58 -24.09 4.11
C ASP B 178 3.13 -22.71 4.58
N GLY B 179 4.06 -21.74 4.52
CA GLY B 179 3.78 -20.38 4.99
C GLY B 179 3.98 -19.27 3.97
N PHE B 180 4.30 -19.63 2.72
CA PHE B 180 4.73 -18.67 1.71
C PHE B 180 4.25 -19.03 0.31
N GLU B 181 3.57 -18.09 -0.37
CA GLU B 181 3.11 -18.28 -1.76
C GLU B 181 3.79 -17.28 -2.67
N GLY B 182 4.93 -17.68 -3.24
CA GLY B 182 5.75 -16.81 -4.08
C GLY B 182 5.25 -16.67 -5.50
N GLU B 183 4.55 -17.70 -5.98
CA GLU B 183 3.98 -17.71 -7.33
C GLU B 183 2.71 -16.85 -7.42
N LYS B 184 1.79 -17.03 -6.46
CA LYS B 184 0.57 -16.23 -6.46
C LYS B 184 0.88 -14.78 -6.11
N GLY B 185 1.94 -14.55 -5.35
CA GLY B 185 2.37 -13.20 -5.02
C GLY B 185 2.97 -12.50 -6.21
N ALA B 186 3.67 -13.25 -7.05
CA ALA B 186 4.22 -12.69 -8.28
C ALA B 186 3.12 -12.35 -9.28
N VAL B 187 2.02 -13.09 -9.22
CA VAL B 187 0.86 -12.86 -10.08
C VAL B 187 0.16 -11.56 -9.65
N VAL B 188 -0.17 -11.48 -8.37
CA VAL B 188 -0.98 -10.39 -7.86
C VAL B 188 -0.19 -9.08 -7.79
N ALA B 189 0.99 -9.12 -7.19
CA ALA B 189 1.76 -7.90 -6.95
C ALA B 189 2.96 -7.74 -7.86
N GLY B 190 3.41 -8.82 -8.51
CA GLY B 190 4.43 -8.70 -9.56
C GLY B 190 5.84 -8.78 -9.03
N SER B 191 6.33 -10.00 -8.89
CA SER B 191 7.68 -10.28 -8.35
C SER B 191 7.94 -9.72 -6.93
N ARG B 192 8.60 -10.53 -6.10
CA ARG B 192 8.82 -10.25 -4.67
C ARG B 192 7.56 -10.10 -3.83
N GLY B 193 6.40 -9.98 -4.49
CA GLY B 193 5.12 -9.91 -3.81
C GLY B 193 4.77 -11.29 -3.28
N TYR B 194 4.00 -11.34 -2.20
CA TYR B 194 3.83 -12.59 -1.48
C TYR B 194 2.57 -12.67 -0.66
N PHE B 195 2.16 -13.90 -0.41
CA PHE B 195 1.11 -14.21 0.52
C PHE B 195 1.72 -14.99 1.69
N LEU B 196 1.90 -14.32 2.82
CA LEU B 196 2.37 -15.00 4.02
C LEU B 196 1.14 -15.66 4.61
N LYS B 197 1.23 -16.97 4.84
CA LYS B 197 0.03 -17.75 5.20
C LYS B 197 0.14 -18.65 6.43
N GLY B 198 -0.96 -18.71 7.18
CA GLY B 198 -1.15 -19.67 8.24
C GLY B 198 -0.36 -19.38 9.50
N VAL B 199 0.48 -20.35 9.84
CA VAL B 199 1.24 -20.35 11.08
C VAL B 199 2.24 -19.20 11.20
N LEU B 200 2.90 -18.87 10.09
CA LEU B 200 3.86 -17.79 10.08
C LEU B 200 3.23 -16.46 10.39
N VAL B 201 1.95 -16.30 10.08
CA VAL B 201 1.22 -15.08 10.43
C VAL B 201 1.21 -14.91 11.96
N PHE B 202 0.89 -16.00 12.65
CA PHE B 202 0.91 -16.03 14.11
C PHE B 202 2.30 -15.81 14.65
N LEU B 203 3.28 -16.44 13.99
CA LEU B 203 4.70 -16.19 14.27
C LEU B 203 5.05 -14.70 14.06
N GLU B 204 4.68 -14.13 12.92
CA GLU B 204 4.90 -12.70 12.74
C GLU B 204 4.30 -11.97 13.94
N GLN B 205 2.98 -12.04 14.08
CA GLN B 205 2.26 -11.43 15.19
C GLN B 205 2.96 -11.56 16.56
N ALA B 206 3.52 -12.73 16.80
CA ALA B 206 4.28 -12.96 18.02
C ALA B 206 5.40 -11.93 18.13
N LEU B 207 6.33 -11.93 17.17
CA LEU B 207 7.41 -10.96 17.14
C LEU B 207 6.93 -9.54 17.37
N ILE B 208 5.85 -9.16 16.70
CA ILE B 208 5.23 -7.86 16.92
C ILE B 208 4.95 -7.73 18.43
N GLN B 209 4.08 -8.60 18.92
CA GLN B 209 3.59 -8.45 20.26
C GLN B 209 4.74 -8.40 21.26
N TYR B 210 5.73 -9.24 21.06
CA TYR B 210 6.90 -9.31 21.93
C TYR B 210 7.69 -8.02 21.90
N ALA B 211 8.05 -7.56 20.71
CA ALA B 211 8.75 -6.29 20.61
C ALA B 211 7.92 -5.15 21.17
N LEU B 212 6.62 -5.13 20.88
CA LEU B 212 5.74 -4.10 21.42
C LEU B 212 5.73 -4.06 22.93
N ARG B 213 5.70 -5.24 23.55
CA ARG B 213 5.70 -5.31 25.01
C ARG B 213 7.05 -4.88 25.53
N THR B 214 8.13 -5.40 24.94
CA THR B 214 9.50 -5.02 25.35
C THR B 214 9.65 -3.50 25.49
N LEU B 215 9.43 -2.80 24.37
CA LEU B 215 9.54 -1.35 24.32
C LEU B 215 8.49 -0.70 25.22
N GLY B 216 7.28 -1.25 25.21
CA GLY B 216 6.21 -0.78 26.09
C GLY B 216 6.61 -0.72 27.56
N SER B 217 7.50 -1.63 27.97
CA SER B 217 8.04 -1.65 29.34
C SER B 217 9.15 -0.61 29.55
N ARG B 218 9.97 -0.38 28.53
CA ARG B 218 11.15 0.48 28.66
C ARG B 218 10.92 1.97 28.45
N GLY B 219 9.65 2.40 28.49
CA GLY B 219 9.33 3.81 28.41
C GLY B 219 9.09 4.31 26.99
N TYR B 220 9.12 3.41 26.01
CA TYR B 220 8.77 3.78 24.63
C TYR B 220 7.27 3.75 24.48
N ILE B 221 6.69 4.80 23.91
CA ILE B 221 5.27 4.81 23.70
C ILE B 221 5.00 4.22 22.30
N PRO B 222 4.13 3.20 22.21
CA PRO B 222 3.77 2.59 20.92
C PRO B 222 3.10 3.58 20.04
N ILE B 223 3.33 3.47 18.75
CA ILE B 223 2.67 4.38 17.84
C ILE B 223 2.46 3.70 16.50
N TYR B 224 1.27 3.91 15.95
CA TYR B 224 0.87 3.36 14.67
C TYR B 224 0.79 4.54 13.77
N THR B 225 1.54 4.48 12.68
CA THR B 225 1.73 5.64 11.81
C THR B 225 0.88 5.56 10.53
N PRO B 226 0.74 6.68 9.83
CA PRO B 226 0.21 6.62 8.48
C PRO B 226 1.26 6.04 7.55
N PHE B 227 0.80 5.43 6.45
CA PHE B 227 1.70 4.80 5.47
C PHE B 227 2.06 5.67 4.25
N PHE B 228 1.38 6.82 4.07
CA PHE B 228 1.75 7.72 3.01
C PHE B 228 1.69 9.19 3.40
N MET B 229 2.49 10.00 2.72
CA MET B 229 2.68 11.39 3.06
C MET B 229 2.41 12.38 1.93
N ARG B 230 2.42 13.66 2.27
CA ARG B 230 2.06 14.72 1.35
C ARG B 230 3.25 15.28 0.59
N LYS B 231 4.25 14.48 0.29
CA LYS B 231 5.33 14.95 -0.58
C LYS B 231 6.07 16.12 -0.01
N GLU B 232 5.40 17.26 0.11
CA GLU B 232 6.01 18.40 0.77
C GLU B 232 6.63 17.97 2.10
N VAL B 233 5.93 17.12 2.84
CA VAL B 233 6.46 16.59 4.07
C VAL B 233 7.54 15.56 3.78
N MET B 234 7.24 14.65 2.87
CA MET B 234 8.19 13.56 2.57
C MET B 234 9.56 14.11 2.13
N GLN B 235 9.54 15.12 1.28
CA GLN B 235 10.76 15.75 0.78
C GLN B 235 11.68 16.23 1.89
N GLU B 236 11.08 16.59 3.02
CA GLU B 236 11.85 17.04 4.17
C GLU B 236 12.54 15.91 4.92
N VAL B 237 11.99 14.70 4.81
CA VAL B 237 12.47 13.55 5.58
C VAL B 237 13.16 12.49 4.75
N ALA B 238 13.26 12.72 3.43
CA ALA B 238 13.93 11.77 2.53
C ALA B 238 14.93 12.46 1.58
N GLN B 239 16.02 11.77 1.24
CA GLN B 239 16.96 12.28 0.24
C GLN B 239 16.58 11.78 -1.14
N LEU B 240 17.04 12.49 -2.16
CA LEU B 240 16.71 12.18 -3.55
C LEU B 240 16.83 10.69 -3.83
N SER B 241 17.98 10.11 -3.51
CA SER B 241 18.23 8.72 -3.88
C SER B 241 16.99 7.88 -3.53
N GLN B 242 16.43 8.12 -2.35
CA GLN B 242 15.33 7.34 -1.84
C GLN B 242 14.12 7.53 -2.71
N PHE B 243 13.94 8.75 -3.19
CA PHE B 243 12.82 9.06 -4.09
C PHE B 243 12.99 8.33 -5.40
N ASP B 244 14.23 8.25 -5.87
CA ASP B 244 14.55 7.65 -7.17
C ASP B 244 14.37 6.12 -7.13
N GLU B 245 14.97 5.48 -6.12
CA GLU B 245 15.11 4.04 -6.13
C GLU B 245 14.52 3.31 -4.93
N GLU B 246 13.62 3.97 -4.19
CA GLU B 246 13.02 3.35 -3.01
C GLU B 246 11.52 3.65 -2.85
N LEU B 247 11.15 4.93 -2.84
CA LEU B 247 9.78 5.30 -2.54
C LEU B 247 8.83 5.10 -3.67
N TYR B 248 7.76 4.35 -3.42
CA TYR B 248 6.63 4.30 -4.36
C TYR B 248 5.90 5.65 -4.35
N LYS B 249 5.14 5.96 -5.39
CA LYS B 249 4.30 7.17 -5.40
C LYS B 249 2.82 6.88 -5.53
N VAL B 250 2.02 7.59 -4.73
CA VAL B 250 0.58 7.39 -4.67
C VAL B 250 -0.11 8.60 -5.30
N ILE B 251 -1.21 8.37 -6.00
CA ILE B 251 -1.95 9.47 -6.65
C ILE B 251 -3.41 9.55 -6.18
N GLY B 252 -3.74 10.63 -5.49
CA GLY B 252 -5.06 10.81 -4.87
C GLY B 252 -5.80 11.94 -5.52
N LYS B 253 -7.02 12.20 -5.06
CA LYS B 253 -7.87 13.23 -5.67
C LYS B 253 -7.60 14.62 -5.07
N GLY B 254 -7.10 14.66 -3.85
CA GLY B 254 -6.88 15.94 -3.17
C GLY B 254 -8.16 16.70 -2.92
N SER B 255 -9.27 15.96 -2.88
CA SER B 255 -10.58 16.48 -2.48
C SER B 255 -11.59 15.37 -2.60
N GLU B 256 -12.54 15.37 -1.69
CA GLU B 256 -13.56 14.34 -1.68
C GLU B 256 -14.81 14.81 -2.40
N LYS B 257 -14.65 15.53 -3.50
CA LYS B 257 -15.76 15.97 -4.28
C LYS B 257 -15.62 15.48 -5.71
N SER B 258 -16.75 15.10 -6.30
CA SER B 258 -16.85 14.73 -7.72
C SER B 258 -16.55 15.92 -8.65
N ASP B 259 -16.80 17.13 -8.16
CA ASP B 259 -16.46 18.35 -8.88
C ASP B 259 -14.97 18.49 -9.14
N ASP B 260 -14.16 17.96 -8.23
CA ASP B 260 -12.72 18.14 -8.30
C ASP B 260 -12.05 17.00 -9.04
N ASN B 261 -11.48 17.32 -10.20
CA ASN B 261 -10.74 16.35 -10.99
C ASN B 261 -9.25 16.63 -10.90
N SER B 262 -8.88 17.48 -9.94
CA SER B 262 -7.49 17.76 -9.65
C SER B 262 -6.93 16.59 -8.86
N TYR B 263 -5.59 16.45 -8.85
CA TYR B 263 -4.92 15.32 -8.18
C TYR B 263 -3.87 15.79 -7.17
N ASP B 264 -3.52 14.90 -6.24
CA ASP B 264 -2.47 15.15 -5.26
C ASP B 264 -1.50 13.97 -5.19
N GLU B 265 -0.21 14.25 -5.22
CA GLU B 265 0.84 13.24 -5.13
C GLU B 265 1.20 12.96 -3.67
N LYS B 266 1.01 11.70 -3.29
CA LYS B 266 1.40 11.23 -1.98
C LYS B 266 2.37 10.09 -2.19
N TYR B 267 3.07 9.71 -1.13
CA TYR B 267 4.16 8.72 -1.22
C TYR B 267 4.09 7.67 -0.11
N LEU B 268 4.18 6.39 -0.46
CA LEU B 268 4.15 5.36 0.55
C LEU B 268 5.46 5.37 1.31
N ILE B 269 5.36 5.18 2.63
CA ILE B 269 6.52 5.28 3.51
C ILE B 269 7.40 4.05 3.39
N ALA B 270 8.70 4.27 3.48
CA ALA B 270 9.67 3.18 3.51
C ALA B 270 10.07 2.80 4.95
N THR B 271 9.69 3.63 5.91
CA THR B 271 10.06 3.42 7.31
C THR B 271 9.06 4.16 8.18
N SER B 272 8.96 3.73 9.44
CA SER B 272 8.20 4.50 10.44
C SER B 272 8.97 5.75 10.93
N GLU B 273 10.29 5.77 10.73
CA GLU B 273 11.14 6.94 11.00
C GLU B 273 10.59 8.21 10.36
N GLN B 274 10.19 8.06 9.12
CA GLN B 274 9.73 9.19 8.34
C GLN B 274 8.46 9.85 8.97
N PRO B 275 7.33 9.12 9.16
CA PRO B 275 6.12 9.74 9.71
C PRO B 275 6.24 10.24 11.15
N ILE B 276 7.04 9.53 11.95
CA ILE B 276 7.34 9.90 13.35
C ILE B 276 8.24 11.13 13.37
N ALA B 277 9.27 11.14 12.54
CA ALA B 277 10.12 12.32 12.42
C ALA B 277 9.30 13.59 12.18
N ALA B 278 8.30 13.49 11.32
CA ALA B 278 7.43 14.61 10.96
C ALA B 278 6.36 14.84 11.98
N LEU B 279 6.15 13.90 12.88
CA LEU B 279 5.12 14.05 13.89
C LEU B 279 5.19 15.43 14.57
N HIS B 280 6.41 15.83 14.94
CA HIS B 280 6.61 17.07 15.67
C HIS B 280 7.15 18.19 14.78
N ARG B 281 6.72 18.19 13.53
CA ARG B 281 7.18 19.19 12.59
C ARG B 281 6.90 20.57 13.13
N ASP B 282 7.83 21.48 12.90
CA ASP B 282 7.66 22.89 13.23
C ASP B 282 7.15 23.13 14.66
N GLU B 283 7.67 22.36 15.60
CA GLU B 283 7.29 22.50 16.99
C GLU B 283 8.45 22.99 17.85
N TRP B 284 8.11 23.44 19.06
CA TRP B 284 9.10 23.88 20.03
C TRP B 284 9.01 22.95 21.21
N LEU B 285 9.98 22.04 21.34
CA LEU B 285 9.88 20.96 22.35
C LEU B 285 10.62 21.30 23.63
N ARG B 286 9.90 21.22 24.74
CA ARG B 286 10.39 21.69 26.05
C ARG B 286 11.48 20.77 26.61
N PRO B 287 12.59 21.34 27.15
CA PRO B 287 13.73 20.53 27.68
C PRO B 287 13.32 19.53 28.76
N GLU B 288 12.29 19.88 29.52
CA GLU B 288 11.77 19.07 30.62
C GLU B 288 11.16 17.75 30.15
N ASP B 289 10.21 17.81 29.23
CA ASP B 289 9.57 16.58 28.73
C ASP B 289 10.41 15.87 27.64
N LEU B 290 11.65 16.32 27.44
CA LEU B 290 12.33 16.13 26.16
C LEU B 290 12.77 14.73 25.80
N PRO B 291 13.33 13.97 26.76
CA PRO B 291 13.72 12.61 26.30
C PRO B 291 12.44 11.84 25.93
N ILE B 292 12.11 11.80 24.64
CA ILE B 292 10.85 11.20 24.15
C ILE B 292 11.12 9.99 23.27
N LYS B 293 10.59 8.86 23.69
CA LYS B 293 10.79 7.60 23.01
C LYS B 293 9.49 7.19 22.35
N TYR B 294 9.58 6.87 21.08
CA TYR B 294 8.44 6.39 20.35
C TYR B 294 8.70 5.00 19.81
N ALA B 295 7.66 4.18 19.91
CA ALA B 295 7.70 2.85 19.35
C ALA B 295 6.81 2.85 18.13
N GLY B 296 7.46 2.92 16.98
CA GLY B 296 6.75 2.95 15.73
C GLY B 296 6.29 1.57 15.33
N LEU B 297 5.02 1.48 14.96
CA LEU B 297 4.47 0.28 14.33
C LEU B 297 3.93 0.60 12.96
N SER B 298 4.53 0.03 11.92
CA SER B 298 4.24 0.45 10.56
C SER B 298 4.65 -0.58 9.56
N THR B 299 3.87 -0.65 8.48
CA THR B 299 4.21 -1.43 7.31
C THR B 299 4.94 -0.53 6.36
N CYS B 300 5.98 -1.06 5.73
CA CYS B 300 6.96 -0.28 4.99
C CYS B 300 7.12 -0.75 3.56
N PHE B 301 6.86 0.14 2.63
CA PHE B 301 6.94 -0.17 1.22
C PHE B 301 8.21 0.39 0.57
N ARG B 302 9.01 -0.50 0.00
CA ARG B 302 10.20 -0.09 -0.72
C ARG B 302 10.24 -0.75 -2.12
N GLN B 303 10.53 0.03 -3.14
CA GLN B 303 10.66 -0.49 -4.48
C GLN B 303 11.89 -1.43 -4.57
N GLU B 304 12.94 -1.13 -3.81
CA GLU B 304 14.18 -1.91 -3.80
C GLU B 304 14.81 -1.97 -5.21
N VAL B 305 14.95 -0.81 -5.83
CA VAL B 305 15.44 -0.71 -7.19
C VAL B 305 16.94 -0.99 -7.28
N GLY B 306 17.66 -0.73 -6.21
CA GLY B 306 19.08 -1.06 -6.17
C GLY B 306 19.40 -2.52 -6.50
N SER B 307 18.63 -3.45 -5.95
CA SER B 307 19.05 -4.86 -5.90
C SER B 307 18.26 -5.83 -6.76
N HIS B 308 18.81 -6.13 -7.93
CA HIS B 308 18.20 -7.12 -8.80
C HIS B 308 18.95 -8.42 -8.68
N GLY B 309 18.20 -9.52 -8.66
CA GLY B 309 18.78 -10.84 -8.54
C GLY B 309 19.45 -11.04 -7.20
N ARG B 310 18.89 -10.46 -6.15
CA ARG B 310 19.47 -10.56 -4.82
C ARG B 310 18.39 -11.02 -3.86
N ASP B 311 18.58 -12.21 -3.30
CA ASP B 311 17.63 -12.73 -2.33
C ASP B 311 16.24 -12.75 -2.95
N THR B 312 16.15 -13.46 -4.07
CA THR B 312 15.01 -13.37 -4.96
C THR B 312 13.89 -14.35 -4.64
N ARG B 313 14.23 -15.47 -4.02
CA ARG B 313 13.24 -16.53 -3.85
C ARG B 313 12.40 -16.34 -2.60
N GLY B 314 13.05 -16.11 -1.47
CA GLY B 314 12.35 -16.13 -0.20
C GLY B 314 11.61 -14.84 0.06
N ILE B 315 11.42 -14.55 1.34
CA ILE B 315 10.88 -13.28 1.79
C ILE B 315 11.93 -12.41 2.50
N PHE B 316 13.19 -12.85 2.51
CA PHE B 316 14.27 -12.03 3.04
C PHE B 316 14.22 -10.61 2.52
N ARG B 317 14.05 -10.51 1.20
CA ARG B 317 14.00 -9.23 0.52
C ARG B 317 12.75 -9.02 -0.37
N VAL B 318 11.82 -8.22 0.13
CA VAL B 318 10.56 -8.05 -0.53
C VAL B 318 10.09 -6.62 -0.48
N HIS B 319 9.13 -6.28 -1.34
CA HIS B 319 8.68 -4.90 -1.47
C HIS B 319 7.75 -4.45 -0.35
N GLN B 320 7.29 -5.33 0.52
CA GLN B 320 6.32 -4.90 1.52
C GLN B 320 6.39 -5.73 2.78
N PHE B 321 6.59 -5.10 3.94
CA PHE B 321 6.81 -5.81 5.20
C PHE B 321 6.63 -4.97 6.45
N GLU B 322 5.97 -5.51 7.48
CA GLU B 322 5.82 -4.83 8.78
C GLU B 322 7.18 -4.67 9.48
N LYS B 323 7.30 -3.59 10.27
CA LYS B 323 8.54 -3.23 11.00
C LYS B 323 8.19 -2.46 12.26
N ILE B 324 8.93 -2.75 13.33
CA ILE B 324 8.78 -2.08 14.62
C ILE B 324 10.05 -1.34 14.97
N GLU B 325 9.92 -0.04 15.15
CA GLU B 325 11.06 0.85 15.17
C GLU B 325 11.16 1.71 16.42
N GLN B 326 12.40 1.94 16.84
CA GLN B 326 12.70 2.82 17.97
C GLN B 326 13.11 4.18 17.46
N PHE B 327 12.27 5.19 17.70
CA PHE B 327 12.57 6.56 17.30
C PHE B 327 12.59 7.43 18.54
N VAL B 328 13.68 8.18 18.72
CA VAL B 328 13.81 9.01 19.90
C VAL B 328 14.17 10.46 19.57
N TYR B 329 13.50 11.39 20.27
CA TYR B 329 13.86 12.80 20.28
C TYR B 329 14.67 13.09 21.54
N SER B 330 15.91 13.57 21.38
CA SER B 330 16.82 13.74 22.52
C SER B 330 17.40 15.15 22.52
N SER B 331 17.87 15.59 23.69
CA SER B 331 18.46 16.93 23.85
C SER B 331 19.84 16.91 23.28
N PRO B 332 20.27 18.04 22.76
CA PRO B 332 21.52 17.99 22.07
C PRO B 332 22.70 18.22 23.02
N HIS B 333 22.48 18.89 24.16
CA HIS B 333 23.58 19.59 24.81
C HIS B 333 24.81 18.76 25.18
N ASP B 334 24.68 17.87 26.16
CA ASP B 334 25.82 17.05 26.58
C ASP B 334 26.00 15.95 25.56
N ASN B 335 26.12 14.70 25.97
CA ASN B 335 26.07 13.63 25.01
C ASN B 335 24.88 12.80 25.28
N LYS B 336 23.78 13.45 25.59
CA LYS B 336 22.55 12.71 25.82
C LYS B 336 22.12 11.94 24.55
N SER B 337 22.41 12.51 23.39
CA SER B 337 22.13 11.86 22.12
C SER B 337 22.90 10.57 21.95
N TRP B 338 24.21 10.58 22.24
CA TRP B 338 25.08 9.42 22.01
C TRP B 338 25.07 8.41 23.14
N GLU B 339 24.41 8.78 24.23
CA GLU B 339 24.19 7.86 25.31
C GLU B 339 22.92 7.12 25.00
N MET B 340 21.89 7.87 24.62
CA MET B 340 20.65 7.26 24.17
C MET B 340 20.91 6.31 22.99
N PHE B 341 21.77 6.74 22.08
CA PHE B 341 22.26 5.91 20.98
C PHE B 341 22.73 4.58 21.52
N GLU B 342 23.85 4.58 22.24
CA GLU B 342 24.42 3.33 22.76
C GLU B 342 23.43 2.51 23.56
N GLU B 343 22.47 3.19 24.19
CA GLU B 343 21.42 2.52 24.94
C GLU B 343 20.51 1.77 23.99
N MET B 344 20.07 2.45 22.93
CA MET B 344 19.15 1.86 21.94
C MET B 344 19.75 0.62 21.30
N ILE B 345 20.97 0.75 20.79
CA ILE B 345 21.64 -0.38 20.18
C ILE B 345 21.65 -1.52 21.18
N THR B 346 22.04 -1.22 22.42
CA THR B 346 22.08 -2.26 23.42
C THR B 346 20.66 -2.79 23.65
N THR B 347 19.65 -1.91 23.58
CA THR B 347 18.25 -2.35 23.72
C THR B 347 17.94 -3.47 22.74
N ALA B 348 18.23 -3.22 21.47
CA ALA B 348 17.99 -4.21 20.42
C ALA B 348 18.75 -5.49 20.72
N GLU B 349 20.00 -5.33 21.12
CA GLU B 349 20.85 -6.45 21.51
C GLU B 349 20.11 -7.36 22.47
N GLU B 350 19.55 -6.78 23.52
CA GLU B 350 18.82 -7.54 24.53
C GLU B 350 17.60 -8.23 23.95
N PHE B 351 16.99 -7.60 22.94
CA PHE B 351 15.88 -8.22 22.26
C PHE B 351 16.32 -9.48 21.51
N TYR B 352 17.34 -9.35 20.67
CA TYR B 352 17.85 -10.48 19.86
C TYR B 352 18.66 -11.51 20.69
N GLN B 353 19.14 -11.11 21.86
CA GLN B 353 19.74 -12.05 22.80
C GLN B 353 18.65 -12.93 23.39
N SER B 354 17.48 -12.34 23.66
CA SER B 354 16.37 -13.05 24.31
C SER B 354 15.71 -14.10 23.42
N LEU B 355 15.75 -13.89 22.11
CA LEU B 355 15.26 -14.87 21.14
C LEU B 355 16.35 -15.83 20.76
N GLY B 356 17.53 -15.67 21.33
CA GLY B 356 18.58 -16.64 21.22
C GLY B 356 19.25 -16.63 19.87
N ILE B 357 19.30 -15.47 19.23
CA ILE B 357 19.87 -15.39 17.92
C ILE B 357 21.29 -14.90 18.05
N PRO B 358 22.24 -15.66 17.53
CA PRO B 358 23.62 -15.21 17.51
C PRO B 358 23.79 -14.11 16.50
N TYR B 359 24.61 -13.12 16.82
CA TYR B 359 24.84 -11.99 15.93
C TYR B 359 26.16 -11.30 16.23
N HIS B 360 26.48 -10.33 15.41
CA HIS B 360 27.58 -9.46 15.71
C HIS B 360 27.27 -8.06 15.22
N ILE B 361 27.62 -7.08 16.05
CA ILE B 361 27.39 -5.68 15.76
C ILE B 361 28.53 -5.16 14.91
N VAL B 362 28.19 -4.34 13.92
CA VAL B 362 29.18 -3.82 13.00
C VAL B 362 29.06 -2.31 12.94
N ASN B 363 30.19 -1.64 12.73
CA ASN B 363 30.24 -0.19 12.53
C ASN B 363 30.38 0.13 11.06
N ILE B 364 29.41 0.85 10.50
CA ILE B 364 29.33 1.05 9.05
C ILE B 364 30.27 2.16 8.58
N VAL B 365 30.86 1.98 7.40
CA VAL B 365 31.77 2.98 6.82
C VAL B 365 31.06 4.22 6.28
N SER B 366 31.82 5.30 6.17
CA SER B 366 31.27 6.61 5.84
C SER B 366 30.59 6.68 4.46
N GLY B 367 31.11 5.88 3.54
CA GLY B 367 30.55 5.79 2.20
C GLY B 367 29.15 5.22 2.21
N SER B 368 28.88 4.29 3.13
CA SER B 368 27.60 3.60 3.16
C SER B 368 26.60 4.27 4.09
N LEU B 369 26.91 5.48 4.55
CA LEU B 369 25.95 6.23 5.34
C LEU B 369 25.07 7.11 4.48
N ASN B 370 23.77 7.12 4.83
CA ASN B 370 22.82 8.08 4.25
C ASN B 370 23.02 9.45 4.86
N HIS B 371 22.57 10.47 4.13
CA HIS B 371 22.89 11.85 4.45
C HIS B 371 22.54 12.16 5.89
N ALA B 372 21.37 11.69 6.31
CA ALA B 372 20.87 12.00 7.65
C ALA B 372 21.80 11.57 8.78
N ALA B 373 22.34 10.37 8.67
CA ALA B 373 23.04 9.77 9.77
C ALA B 373 24.35 10.49 10.01
N SER B 374 24.78 10.52 11.27
CA SER B 374 26.16 10.84 11.67
C SER B 374 26.98 9.59 11.99
N LYS B 375 26.32 8.54 12.47
CA LYS B 375 26.97 7.25 12.68
C LYS B 375 25.95 6.11 12.79
N LYS B 376 26.24 4.98 12.14
CA LYS B 376 25.31 3.84 12.18
C LYS B 376 25.99 2.55 12.61
N LEU B 377 25.37 1.87 13.58
CA LEU B 377 25.82 0.55 14.01
C LEU B 377 24.74 -0.42 13.67
N ASP B 378 25.09 -1.48 12.96
CA ASP B 378 24.11 -2.41 12.50
C ASP B 378 24.38 -3.75 13.14
N LEU B 379 23.29 -4.48 13.36
CA LEU B 379 23.35 -5.83 13.94
C LEU B 379 23.23 -6.87 12.82
N GLU B 380 24.36 -7.50 12.47
CA GLU B 380 24.37 -8.57 11.48
C GLU B 380 24.18 -9.92 12.17
N ALA B 381 23.01 -10.52 11.97
CA ALA B 381 22.68 -11.82 12.58
C ALA B 381 23.24 -12.97 11.74
N TRP B 382 23.56 -14.05 12.44
CA TRP B 382 24.13 -15.24 11.82
C TRP B 382 23.04 -16.13 11.25
N PHE B 383 23.17 -16.42 9.96
CA PHE B 383 22.29 -17.37 9.31
C PHE B 383 23.01 -18.70 9.04
N PRO B 384 22.69 -19.73 9.86
CA PRO B 384 23.37 -21.02 9.78
C PRO B 384 23.05 -21.80 8.50
N GLY B 385 21.77 -21.94 8.18
CA GLY B 385 21.35 -22.62 6.96
C GLY B 385 21.98 -21.98 5.73
N SER B 386 22.00 -20.66 5.69
CA SER B 386 22.64 -19.95 4.60
C SER B 386 24.16 -19.96 4.78
N GLY B 387 24.62 -19.86 6.03
CA GLY B 387 26.05 -19.94 6.35
C GLY B 387 26.76 -18.61 6.28
N ALA B 388 26.04 -17.53 6.53
CA ALA B 388 26.60 -16.20 6.41
C ALA B 388 25.87 -15.20 7.33
N PHE B 389 26.40 -13.98 7.36
CA PHE B 389 25.86 -12.93 8.21
C PHE B 389 24.98 -11.95 7.45
N ARG B 390 23.69 -11.94 7.78
CA ARG B 390 22.75 -11.04 7.14
C ARG B 390 22.39 -9.93 8.13
N GLU B 391 22.15 -8.73 7.61
CA GLU B 391 21.69 -7.58 8.43
C GLU B 391 20.24 -7.76 8.87
N LEU B 392 19.96 -7.42 10.12
CA LEU B 392 18.60 -7.48 10.68
C LEU B 392 18.13 -6.27 11.48
N VAL B 393 19.08 -5.41 11.86
CA VAL B 393 18.78 -4.15 12.58
C VAL B 393 19.83 -3.07 12.32
N SER B 394 19.36 -1.90 11.95
CA SER B 394 20.16 -0.71 11.87
C SER B 394 19.83 0.28 13.00
N CYS B 395 20.85 1.05 13.40
CA CYS B 395 20.71 2.07 14.41
C CYS B 395 21.50 3.30 14.02
N SER B 396 20.87 4.47 14.15
CA SER B 396 21.45 5.70 13.64
C SER B 396 21.14 6.90 14.52
N ASN B 397 22.07 7.84 14.52
CA ASN B 397 21.93 9.08 15.26
C ASN B 397 22.06 10.15 14.22
N CYS B 398 20.98 10.88 13.97
CA CYS B 398 20.96 11.90 12.92
C CYS B 398 21.32 13.28 13.47
N THR B 399 21.48 13.37 14.80
CA THR B 399 21.80 14.63 15.49
C THR B 399 20.73 15.65 15.12
N ASP B 400 21.15 16.87 14.77
CA ASP B 400 20.24 17.97 14.47
C ASP B 400 19.91 18.11 12.98
N TYR B 401 20.31 17.13 12.19
CA TYR B 401 20.17 17.24 10.74
C TYR B 401 18.69 17.28 10.32
N GLN B 402 17.95 16.23 10.60
CA GLN B 402 16.54 16.22 10.27
C GLN B 402 15.83 17.37 10.97
N ALA B 403 16.22 17.61 12.22
CA ALA B 403 15.53 18.56 13.08
C ALA B 403 15.47 19.97 12.51
N ARG B 404 16.59 20.43 12.01
CA ARG B 404 16.66 21.74 11.43
C ARG B 404 15.67 21.80 10.29
N ARG B 405 15.60 20.74 9.48
CA ARG B 405 14.70 20.67 8.31
C ARG B 405 13.20 20.64 8.69
N LEU B 406 12.88 19.92 9.77
CA LEU B 406 11.52 19.87 10.27
C LEU B 406 11.24 20.98 11.26
N ARG B 407 12.21 21.87 11.48
CA ARG B 407 12.04 23.02 12.35
C ARG B 407 11.53 22.62 13.73
N ILE B 408 12.16 21.61 14.31
CA ILE B 408 11.84 21.16 15.64
C ILE B 408 12.88 21.61 16.67
N ARG B 409 12.63 22.74 17.31
CA ARG B 409 13.64 23.38 18.13
C ARG B 409 13.61 22.90 19.58
N TYR B 410 14.46 23.48 20.43
CA TYR B 410 14.61 23.07 21.83
C TYR B 410 14.10 24.11 22.82
N GLY B 411 12.90 23.88 23.37
CA GLY B 411 12.26 24.81 24.30
C GLY B 411 11.34 25.78 23.58
N GLN B 412 10.19 26.07 24.19
CA GLN B 412 9.22 27.05 23.62
C GLN B 412 9.37 28.47 24.22
N THR B 413 9.75 29.43 23.36
CA THR B 413 9.95 30.82 23.78
C THR B 413 8.61 31.51 24.10
N MET B 416 13.44 32.30 25.94
CA MET B 416 14.54 33.21 26.19
C MET B 416 15.48 33.31 24.99
N MET B 417 16.26 34.40 24.93
CA MET B 417 17.23 34.62 23.86
C MET B 417 18.61 34.19 24.35
N ASP B 418 19.52 33.79 23.45
CA ASP B 418 19.33 33.74 21.98
C ASP B 418 20.09 32.55 21.32
N LYS B 419 19.93 32.42 19.99
CA LYS B 419 20.61 31.39 19.14
C LYS B 419 19.85 30.05 19.10
N VAL B 420 19.05 29.83 18.04
CA VAL B 420 18.09 28.70 17.96
C VAL B 420 18.71 27.34 17.82
N GLU B 421 18.42 26.44 18.75
CA GLU B 421 19.06 25.13 18.82
C GLU B 421 17.99 24.09 18.64
N PHE B 422 18.25 23.15 17.73
CA PHE B 422 17.29 22.11 17.45
C PHE B 422 17.61 20.84 18.22
N VAL B 423 16.63 19.94 18.29
CA VAL B 423 16.76 18.69 19.01
C VAL B 423 17.70 17.75 18.27
N HIS B 424 18.02 16.61 18.88
CA HIS B 424 18.75 15.52 18.21
C HIS B 424 17.82 14.37 18.06
N MET B 425 17.79 13.77 16.87
CA MET B 425 16.80 12.72 16.58
C MET B 425 17.48 11.41 16.25
N LEU B 426 16.97 10.33 16.82
CA LEU B 426 17.59 9.01 16.70
C LEU B 426 16.60 7.99 16.21
N ASN B 427 17.08 7.02 15.43
CA ASN B 427 16.21 6.03 14.84
C ASN B 427 16.91 4.71 14.60
N ALA B 428 16.36 3.64 15.19
CA ALA B 428 16.89 2.28 15.09
C ALA B 428 15.75 1.27 15.10
N THR B 429 15.94 0.18 14.36
CA THR B 429 14.88 -0.82 14.24
C THR B 429 14.93 -1.88 15.34
N MET B 430 13.80 -2.07 16.02
CA MET B 430 13.72 -3.09 17.03
C MET B 430 13.55 -4.44 16.33
N CYS B 431 12.59 -4.53 15.43
CA CYS B 431 12.37 -5.80 14.75
C CYS B 431 11.89 -5.58 13.35
N ALA B 432 12.55 -6.25 12.41
CA ALA B 432 12.07 -6.30 11.04
C ALA B 432 11.41 -7.65 10.77
N THR B 433 10.09 -7.71 11.00
CA THR B 433 9.37 -8.98 11.21
C THR B 433 9.79 -10.13 10.31
N THR B 434 10.01 -9.82 9.04
CA THR B 434 10.23 -10.86 8.05
C THR B 434 11.66 -11.38 8.12
N ARG B 435 12.66 -10.51 8.04
CA ARG B 435 14.06 -10.99 8.12
C ARG B 435 14.41 -11.61 9.47
N THR B 436 13.70 -11.21 10.52
CA THR B 436 13.82 -11.80 11.85
C THR B 436 13.18 -13.19 11.87
N ILE B 437 11.98 -13.29 11.29
CA ILE B 437 11.34 -14.60 11.12
C ILE B 437 12.31 -15.57 10.42
N CYS B 438 12.95 -15.12 9.34
CA CYS B 438 13.92 -15.94 8.64
C CYS B 438 15.04 -16.39 9.56
N ALA B 439 15.63 -15.45 10.30
CA ALA B 439 16.67 -15.76 11.26
C ALA B 439 16.23 -16.84 12.25
N ILE B 440 15.03 -16.69 12.82
CA ILE B 440 14.45 -17.75 13.64
C ILE B 440 14.47 -19.09 12.91
N LEU B 441 13.79 -19.15 11.77
CA LEU B 441 13.68 -20.40 11.05
C LEU B 441 15.04 -21.04 10.88
N GLU B 442 16.03 -20.29 10.42
CA GLU B 442 17.34 -20.89 10.14
C GLU B 442 18.10 -21.33 11.37
N ASN B 443 17.93 -20.60 12.46
CA ASN B 443 18.66 -20.91 13.68
C ASN B 443 17.99 -21.99 14.50
N TYR B 444 16.65 -22.04 14.52
CA TYR B 444 15.94 -22.98 15.38
C TYR B 444 15.38 -24.23 14.68
N GLN B 445 15.90 -24.58 13.51
CA GLN B 445 15.43 -25.77 12.77
C GLN B 445 15.87 -27.08 13.45
N THR B 446 15.17 -28.17 13.15
CA THR B 446 15.52 -29.49 13.67
C THR B 446 15.26 -30.52 12.58
N LYS B 447 14.62 -31.64 12.94
CA LYS B 447 14.21 -32.65 11.99
C LYS B 447 12.70 -32.57 11.77
N LYS B 448 11.92 -32.36 12.83
CA LYS B 448 10.49 -32.18 12.67
C LYS B 448 10.13 -30.82 12.07
N GLY B 449 10.92 -29.81 12.39
CA GLY B 449 10.64 -28.45 11.93
C GLY B 449 11.51 -27.40 12.59
N ILE B 450 10.88 -26.32 13.05
CA ILE B 450 11.60 -25.28 13.74
C ILE B 450 11.10 -25.29 15.16
N THR B 451 12.03 -25.11 16.09
CA THR B 451 11.69 -25.00 17.51
C THR B 451 11.29 -23.56 17.83
N VAL B 452 10.22 -23.40 18.60
CA VAL B 452 9.75 -22.08 19.00
C VAL B 452 10.62 -21.60 20.16
N PRO B 453 11.35 -20.48 19.98
CA PRO B 453 12.08 -19.87 21.09
C PRO B 453 11.17 -19.51 22.26
N GLU B 454 11.70 -19.63 23.48
CA GLU B 454 10.89 -19.65 24.71
C GLU B 454 10.05 -18.40 24.91
N LYS B 455 10.56 -17.27 24.41
CA LYS B 455 9.93 -15.97 24.62
C LYS B 455 8.57 -15.89 23.93
N LEU B 456 8.51 -16.46 22.72
CA LEU B 456 7.34 -16.39 21.86
C LEU B 456 6.26 -17.41 22.20
N LYS B 457 6.67 -18.56 22.76
CA LYS B 457 5.74 -19.62 23.20
C LYS B 457 4.49 -19.07 23.88
N GLU B 458 4.65 -17.97 24.60
CA GLU B 458 3.55 -17.27 25.23
C GLU B 458 2.47 -16.80 24.20
N PHE B 459 2.95 -16.34 23.05
CA PHE B 459 2.08 -15.73 22.06
C PHE B 459 1.76 -16.62 20.87
N MET B 460 2.49 -17.73 20.73
CA MET B 460 2.16 -18.71 19.70
C MET B 460 0.91 -19.48 20.13
N PRO B 461 -0.03 -19.69 19.20
CA PRO B 461 -1.32 -20.30 19.52
C PRO B 461 -1.25 -21.77 19.96
N PRO B 462 -2.34 -22.29 20.56
CA PRO B 462 -2.35 -23.70 20.98
C PRO B 462 -2.02 -24.65 19.83
N GLY B 463 -0.92 -25.37 19.97
CA GLY B 463 -0.46 -26.29 18.94
C GLY B 463 0.93 -25.94 18.45
N LEU B 464 1.23 -24.64 18.40
CA LEU B 464 2.55 -24.20 17.97
C LEU B 464 3.41 -23.80 19.16
N GLN B 465 2.84 -23.79 20.36
CA GLN B 465 3.59 -23.37 21.51
C GLN B 465 4.85 -24.20 21.54
N GLU B 466 4.69 -25.50 21.36
CA GLU B 466 5.81 -26.42 21.32
C GLU B 466 6.70 -26.08 20.12
N LEU B 467 6.25 -26.43 18.91
CA LEU B 467 7.11 -26.32 17.72
C LEU B 467 6.35 -25.88 16.49
N ILE B 468 7.11 -25.73 15.40
CA ILE B 468 6.54 -25.45 14.11
C ILE B 468 6.82 -26.67 13.21
N PRO B 469 5.77 -27.44 12.89
CA PRO B 469 5.96 -28.72 12.21
C PRO B 469 6.08 -28.56 10.72
N PHE B 470 6.96 -29.33 10.08
CA PHE B 470 6.94 -29.43 8.63
C PHE B 470 5.67 -30.16 8.18
N VAL B 471 5.13 -29.74 7.04
CA VAL B 471 4.01 -30.43 6.39
C VAL B 471 4.26 -30.62 4.90
N LYS B 472 5.26 -29.94 4.35
CA LYS B 472 5.56 -29.98 2.94
C LYS B 472 7.04 -30.31 2.77
N PRO B 473 7.43 -30.84 1.61
CA PRO B 473 8.83 -31.10 1.33
C PRO B 473 9.53 -29.95 0.60
N ALA B 474 10.86 -29.96 0.64
CA ALA B 474 11.68 -28.91 0.04
C ALA B 474 11.64 -29.00 -1.47
N PRO B 475 11.43 -27.86 -2.14
CA PRO B 475 11.31 -27.85 -3.60
C PRO B 475 12.62 -28.20 -4.30
N ILE B 476 12.53 -28.92 -5.40
CA ILE B 476 13.70 -29.30 -6.19
C ILE B 476 13.40 -29.13 -7.67
N VAL C 2 -18.42 -10.78 -14.14
CA VAL C 2 -19.27 -10.72 -15.38
C VAL C 2 -20.29 -11.86 -15.44
N LEU C 3 -21.44 -11.61 -16.05
CA LEU C 3 -22.44 -12.66 -16.22
C LEU C 3 -22.08 -13.67 -17.32
N ASP C 4 -22.99 -14.60 -17.63
CA ASP C 4 -22.81 -15.51 -18.76
C ASP C 4 -23.42 -14.99 -20.06
N LEU C 5 -22.68 -15.08 -21.15
CA LEU C 5 -23.16 -14.54 -22.39
C LEU C 5 -24.39 -15.28 -22.87
N ASP C 6 -24.44 -16.58 -22.62
CA ASP C 6 -25.55 -17.38 -23.14
C ASP C 6 -26.92 -16.88 -22.67
N LEU C 7 -27.02 -16.45 -21.42
CA LEU C 7 -28.27 -15.90 -20.89
C LEU C 7 -28.57 -14.51 -21.47
N PHE C 8 -27.61 -13.97 -22.21
CA PHE C 8 -27.87 -12.83 -23.09
C PHE C 8 -28.40 -13.29 -24.44
N ARG C 9 -28.03 -14.49 -24.85
CA ARG C 9 -28.36 -14.99 -26.18
C ARG C 9 -29.65 -15.76 -26.16
N VAL C 10 -30.59 -15.30 -26.99
CA VAL C 10 -31.98 -15.77 -26.93
C VAL C 10 -32.12 -17.17 -27.50
N ASP C 11 -31.41 -17.43 -28.59
CA ASP C 11 -31.34 -18.77 -29.15
C ASP C 11 -30.63 -19.75 -28.21
N LYS C 12 -29.74 -19.22 -27.37
CA LYS C 12 -29.09 -19.99 -26.32
C LYS C 12 -29.92 -19.94 -25.03
N GLY C 13 -29.43 -20.62 -23.99
CA GLY C 13 -30.21 -20.85 -22.75
C GLY C 13 -31.12 -19.75 -22.23
N GLY C 14 -30.55 -18.81 -21.49
CA GLY C 14 -31.34 -17.84 -20.75
C GLY C 14 -31.92 -16.68 -21.54
N ASP C 15 -32.61 -15.80 -20.81
CA ASP C 15 -33.32 -14.65 -21.39
C ASP C 15 -32.73 -13.31 -20.91
N PRO C 16 -32.59 -12.34 -21.81
CA PRO C 16 -32.04 -11.02 -21.46
C PRO C 16 -33.04 -10.05 -20.81
N ALA C 17 -34.33 -10.33 -20.87
CA ALA C 17 -35.33 -9.49 -20.20
C ALA C 17 -35.26 -9.65 -18.67
N LEU C 18 -34.67 -10.77 -18.24
CA LEU C 18 -34.34 -11.00 -16.83
C LEU C 18 -33.24 -10.06 -16.39
N ILE C 19 -32.28 -9.84 -17.29
CA ILE C 19 -31.15 -8.95 -17.03
C ILE C 19 -31.60 -7.48 -16.94
N ARG C 20 -32.36 -7.02 -17.94
CA ARG C 20 -32.90 -5.65 -17.93
C ARG C 20 -33.72 -5.39 -16.68
N GLU C 21 -34.46 -6.39 -16.24
CA GLU C 21 -35.19 -6.34 -14.99
C GLU C 21 -34.25 -6.26 -13.80
N THR C 22 -33.18 -7.06 -13.83
CA THR C 22 -32.13 -7.01 -12.81
C THR C 22 -31.57 -5.58 -12.66
N GLN C 23 -31.33 -4.93 -13.80
CA GLN C 23 -30.86 -3.56 -13.78
C GLN C 23 -31.90 -2.64 -13.15
N GLU C 24 -33.12 -2.67 -13.66
CA GLU C 24 -34.19 -1.84 -13.11
C GLU C 24 -34.27 -1.98 -11.60
N LYS C 25 -34.10 -3.19 -11.09
CA LYS C 25 -34.05 -3.42 -9.65
C LYS C 25 -32.80 -2.78 -9.03
N ARG C 26 -31.65 -2.95 -9.70
CA ARG C 26 -30.40 -2.30 -9.26
C ARG C 26 -30.41 -0.78 -9.46
N PHE C 27 -31.45 -0.28 -10.13
CA PHE C 27 -31.55 1.13 -10.50
C PHE C 27 -30.30 1.60 -11.25
N LYS C 28 -29.93 0.87 -12.29
CA LYS C 28 -28.85 1.27 -13.19
C LYS C 28 -29.47 1.39 -14.58
N ASP C 29 -28.64 1.56 -15.61
CA ASP C 29 -29.13 1.65 -16.99
C ASP C 29 -29.25 0.25 -17.61
N PRO C 30 -30.47 -0.11 -18.10
CA PRO C 30 -30.65 -1.32 -18.90
C PRO C 30 -30.22 -1.17 -20.37
N GLY C 31 -30.12 0.06 -20.86
CA GLY C 31 -29.64 0.31 -22.21
C GLY C 31 -28.27 -0.30 -22.46
N LEU C 32 -27.49 -0.47 -21.40
CA LEU C 32 -26.21 -1.17 -21.47
C LEU C 32 -26.36 -2.54 -22.10
N VAL C 33 -27.48 -3.22 -21.83
CA VAL C 33 -27.69 -4.59 -22.32
C VAL C 33 -28.07 -4.59 -23.80
N ASP C 34 -28.85 -3.60 -24.19
CA ASP C 34 -29.20 -3.41 -25.60
C ASP C 34 -27.92 -3.24 -26.43
N GLN C 35 -26.92 -2.58 -25.84
CA GLN C 35 -25.58 -2.47 -26.46
C GLN C 35 -24.86 -3.81 -26.49
N LEU C 36 -24.86 -4.54 -25.37
CA LEU C 36 -24.26 -5.87 -25.31
C LEU C 36 -24.83 -6.71 -26.44
N VAL C 37 -26.16 -6.78 -26.50
CA VAL C 37 -26.87 -7.63 -27.49
C VAL C 37 -26.54 -7.21 -28.91
N LYS C 38 -26.24 -5.93 -29.11
CA LYS C 38 -25.87 -5.40 -30.41
C LYS C 38 -24.50 -5.90 -30.83
N ALA C 39 -23.51 -5.64 -29.97
CA ALA C 39 -22.13 -6.02 -30.28
C ALA C 39 -21.97 -7.53 -30.40
N ASP C 40 -22.72 -8.27 -29.58
CA ASP C 40 -22.71 -9.74 -29.65
C ASP C 40 -23.27 -10.22 -31.00
N SER C 41 -24.40 -9.66 -31.42
CA SER C 41 -25.02 -10.01 -32.69
C SER C 41 -24.03 -9.81 -33.82
N GLU C 42 -23.46 -8.60 -33.93
CA GLU C 42 -22.46 -8.31 -34.97
C GLU C 42 -21.25 -9.24 -34.86
N TRP C 43 -20.84 -9.57 -33.65
CA TRP C 43 -19.69 -10.44 -33.46
C TRP C 43 -20.00 -11.84 -33.95
N ARG C 44 -21.23 -12.27 -33.78
CA ARG C 44 -21.69 -13.53 -34.34
C ARG C 44 -21.61 -13.50 -35.85
N ARG C 45 -22.10 -12.40 -36.45
CA ARG C 45 -22.04 -12.22 -37.91
C ARG C 45 -20.63 -12.40 -38.45
N CYS C 46 -19.68 -11.79 -37.74
CA CYS C 46 -18.28 -11.86 -38.14
C CYS C 46 -17.75 -13.26 -37.94
N ARG C 47 -18.30 -13.98 -36.97
CA ARG C 47 -17.90 -15.37 -36.76
C ARG C 47 -18.41 -16.16 -37.96
N PHE C 48 -19.67 -15.95 -38.35
CA PHE C 48 -20.26 -16.70 -39.46
C PHE C 48 -19.52 -16.49 -40.78
N ARG C 49 -19.32 -15.22 -41.14
CA ARG C 49 -18.54 -14.90 -42.33
C ARG C 49 -17.16 -15.53 -42.25
N ALA C 50 -16.45 -15.34 -41.13
CA ALA C 50 -15.12 -15.91 -40.94
C ALA C 50 -15.14 -17.33 -41.42
N ASP C 51 -16.05 -18.13 -40.84
CA ASP C 51 -16.21 -19.55 -41.16
C ASP C 51 -16.48 -19.80 -42.63
N ASN C 52 -17.54 -19.21 -43.13
CA ASN C 52 -17.80 -19.28 -44.55
C ASN C 52 -16.53 -18.97 -45.38
N LEU C 53 -15.77 -17.96 -44.97
CA LEU C 53 -14.55 -17.53 -45.66
C LEU C 53 -13.51 -18.62 -45.63
N ASN C 54 -13.34 -19.22 -44.47
CA ASN C 54 -12.38 -20.30 -44.34
C ASN C 54 -12.74 -21.43 -45.28
N LYS C 55 -14.02 -21.80 -45.30
CA LYS C 55 -14.54 -22.83 -46.21
C LYS C 55 -14.11 -22.56 -47.64
N LEU C 56 -14.30 -21.32 -48.06
CA LEU C 56 -13.88 -20.91 -49.38
C LEU C 56 -12.37 -21.08 -49.57
N LYS C 57 -11.57 -20.65 -48.60
CA LYS C 57 -10.11 -20.73 -48.74
C LYS C 57 -9.64 -22.14 -49.04
N ASN C 58 -10.27 -23.10 -48.35
CA ASN C 58 -10.00 -24.51 -48.55
C ASN C 58 -10.44 -24.92 -49.94
N LEU C 59 -11.64 -24.49 -50.33
CA LEU C 59 -12.19 -24.79 -51.65
C LEU C 59 -11.28 -24.28 -52.78
N CYS C 60 -10.55 -23.19 -52.52
CA CYS C 60 -9.56 -22.65 -53.47
C CYS C 60 -8.33 -23.52 -53.56
N SER C 61 -7.84 -23.95 -52.41
CA SER C 61 -6.74 -24.89 -52.41
C SER C 61 -7.13 -26.25 -53.03
N LYS C 62 -8.42 -26.60 -52.99
CA LYS C 62 -8.92 -27.85 -53.56
C LYS C 62 -9.06 -27.78 -55.09
N THR C 63 -9.72 -26.74 -55.59
CA THR C 63 -9.83 -26.48 -57.03
C THR C 63 -8.44 -26.38 -57.67
N ILE C 64 -7.50 -25.76 -56.94
CA ILE C 64 -6.08 -25.73 -57.32
C ILE C 64 -5.53 -27.14 -57.43
N GLY C 65 -5.87 -27.99 -56.46
CA GLY C 65 -5.57 -29.41 -56.54
C GLY C 65 -5.97 -30.04 -57.87
N GLU C 66 -7.21 -29.77 -58.29
CA GLU C 66 -7.80 -30.40 -59.48
C GLU C 66 -7.15 -29.96 -60.79
N LYS C 67 -6.61 -28.74 -60.80
CA LYS C 67 -5.98 -28.16 -61.99
C LYS C 67 -4.88 -29.02 -62.61
N MET C 68 -3.93 -29.49 -61.79
CA MET C 68 -2.79 -30.28 -62.29
C MET C 68 -3.22 -31.61 -62.94
N LYS C 69 -4.30 -32.20 -62.42
CA LYS C 69 -4.84 -33.45 -62.96
C LYS C 69 -5.48 -33.26 -64.34
N LYS C 70 -6.34 -32.26 -64.49
CA LYS C 70 -7.04 -32.01 -65.75
C LYS C 70 -6.10 -31.60 -66.89
N LYS C 71 -5.12 -30.74 -66.59
CA LYS C 71 -4.12 -30.31 -67.57
C LYS C 71 -2.95 -29.64 -66.87
N GLU C 72 -1.72 -29.98 -67.26
CA GLU C 72 -0.54 -29.27 -66.77
C GLU C 72 -0.50 -27.89 -67.45
N PRO C 73 -0.71 -27.85 -68.79
CA PRO C 73 -0.98 -26.56 -69.41
C PRO C 73 -2.46 -26.39 -69.85
N VAL C 74 -2.98 -25.18 -69.71
CA VAL C 74 -4.29 -24.82 -70.23
C VAL C 74 -4.38 -23.29 -70.37
N GLY C 75 -5.27 -22.84 -71.26
CA GLY C 75 -5.51 -21.40 -71.55
C GLY C 75 -4.46 -20.32 -71.32
N ASP C 76 -4.78 -19.39 -70.43
CA ASP C 76 -4.04 -18.11 -70.22
C ASP C 76 -3.67 -17.94 -68.73
N ASP C 77 -2.44 -17.50 -68.48
CA ASP C 77 -1.87 -17.43 -67.12
C ASP C 77 -1.80 -16.01 -66.49
N GLU C 78 -2.18 -14.98 -67.26
CA GLU C 78 -2.06 -13.58 -66.82
C GLU C 78 -3.38 -12.90 -66.43
N SER C 79 -4.47 -13.15 -67.17
CA SER C 79 -5.74 -12.39 -67.02
C SER C 79 -6.23 -12.19 -65.57
N VAL C 80 -6.90 -11.06 -65.33
CA VAL C 80 -7.38 -10.72 -63.99
C VAL C 80 -8.84 -11.19 -63.80
N PRO C 81 -9.25 -11.49 -62.55
CA PRO C 81 -10.61 -11.95 -62.22
C PRO C 81 -11.63 -10.83 -62.07
N GLU C 82 -12.91 -11.17 -62.18
CA GLU C 82 -13.94 -10.13 -62.20
C GLU C 82 -15.27 -10.64 -61.70
N ASN C 83 -15.98 -9.81 -60.94
CA ASN C 83 -17.33 -10.13 -60.41
C ASN C 83 -17.37 -11.18 -59.27
N VAL C 84 -16.72 -12.33 -59.50
CA VAL C 84 -16.47 -13.32 -58.46
C VAL C 84 -16.03 -12.75 -57.11
N LEU C 85 -15.03 -11.87 -57.11
CA LEU C 85 -14.37 -11.41 -55.88
C LEU C 85 -15.34 -11.18 -54.72
N SER C 86 -16.53 -10.63 -55.01
CA SER C 86 -17.55 -10.36 -53.97
C SER C 86 -17.87 -11.61 -53.13
N PHE C 87 -17.31 -11.65 -51.93
CA PHE C 87 -17.28 -12.85 -51.09
C PHE C 87 -18.62 -13.17 -50.42
N ASP C 88 -19.64 -12.34 -50.64
CA ASP C 88 -20.96 -12.63 -50.10
C ASP C 88 -21.57 -13.93 -50.70
N ASP C 89 -21.37 -14.17 -51.99
CA ASP C 89 -22.00 -15.31 -52.68
C ASP C 89 -21.09 -15.93 -53.75
N LEU C 90 -20.59 -17.15 -53.48
CA LEU C 90 -19.74 -17.90 -54.43
C LEU C 90 -20.18 -19.35 -54.60
N THR C 91 -19.63 -20.02 -55.63
CA THR C 91 -19.94 -21.41 -55.94
C THR C 91 -18.65 -22.21 -56.11
N ALA C 92 -18.76 -23.34 -56.79
CA ALA C 92 -17.59 -24.07 -57.29
C ALA C 92 -17.46 -23.91 -58.79
N ASP C 93 -18.59 -23.62 -59.45
CA ASP C 93 -18.63 -23.43 -60.89
C ASP C 93 -17.64 -22.35 -61.31
N ALA C 94 -17.79 -21.18 -60.72
CA ALA C 94 -16.93 -20.04 -61.00
C ALA C 94 -15.46 -20.37 -60.79
N LEU C 95 -15.17 -21.02 -59.66
CA LEU C 95 -13.80 -21.37 -59.31
C LEU C 95 -13.23 -22.36 -60.31
N ALA C 96 -14.08 -23.26 -60.81
CA ALA C 96 -13.68 -24.21 -61.86
C ALA C 96 -13.32 -23.51 -63.17
N ASN C 97 -14.03 -22.42 -63.47
CA ASN C 97 -13.77 -21.66 -64.69
C ASN C 97 -12.46 -20.90 -64.71
N LEU C 98 -12.17 -20.17 -63.63
CA LEU C 98 -10.91 -19.42 -63.52
C LEU C 98 -9.69 -20.34 -63.65
N LYS C 99 -8.65 -19.86 -64.32
CA LYS C 99 -7.42 -20.64 -64.46
C LYS C 99 -6.80 -20.77 -63.08
N VAL C 100 -5.62 -21.39 -63.02
CA VAL C 100 -4.91 -21.57 -61.73
C VAL C 100 -4.53 -20.23 -61.12
N SER C 101 -3.87 -19.40 -61.92
CA SER C 101 -3.34 -18.11 -61.46
C SER C 101 -4.38 -17.30 -60.72
N GLN C 102 -5.54 -17.16 -61.35
CA GLN C 102 -6.65 -16.31 -60.89
C GLN C 102 -7.18 -16.78 -59.54
N ILE C 103 -7.30 -18.10 -59.41
CA ILE C 103 -7.72 -18.74 -58.18
C ILE C 103 -6.69 -18.51 -57.07
N LYS C 104 -5.40 -18.52 -57.43
CA LYS C 104 -4.33 -18.29 -56.46
C LYS C 104 -4.32 -16.87 -55.89
N LYS C 105 -4.57 -15.89 -56.75
CA LYS C 105 -4.63 -14.51 -56.32
C LYS C 105 -5.90 -14.33 -55.51
N VAL C 106 -7.02 -14.81 -56.04
CA VAL C 106 -8.30 -14.76 -55.32
C VAL C 106 -8.19 -15.37 -53.93
N ARG C 107 -7.42 -16.43 -53.81
CA ARG C 107 -7.13 -17.01 -52.51
C ARG C 107 -6.46 -15.96 -51.61
N LEU C 108 -5.50 -15.22 -52.16
CA LEU C 108 -4.83 -14.17 -51.39
C LEU C 108 -5.80 -13.08 -50.91
N LEU C 109 -6.76 -12.73 -51.76
CA LEU C 109 -7.78 -11.73 -51.39
C LEU C 109 -8.73 -12.22 -50.29
N ILE C 110 -8.96 -13.53 -50.28
CA ILE C 110 -9.70 -14.17 -49.21
C ILE C 110 -8.94 -14.05 -47.91
N ASP C 111 -7.62 -14.27 -47.98
CA ASP C 111 -6.76 -14.16 -46.80
C ASP C 111 -6.69 -12.74 -46.24
N GLU C 112 -6.64 -11.76 -47.14
CA GLU C 112 -6.74 -10.38 -46.74
C GLU C 112 -8.05 -10.18 -45.95
N ALA C 113 -9.17 -10.64 -46.52
CA ALA C 113 -10.50 -10.49 -45.90
C ALA C 113 -10.62 -11.24 -44.57
N ILE C 114 -9.88 -12.33 -44.44
CA ILE C 114 -9.79 -13.04 -43.18
C ILE C 114 -9.21 -12.13 -42.11
N LEU C 115 -8.13 -11.42 -42.44
CA LEU C 115 -7.45 -10.52 -41.50
C LEU C 115 -8.36 -9.38 -41.13
N LYS C 116 -9.05 -8.82 -42.11
CA LYS C 116 -10.03 -7.75 -41.85
C LYS C 116 -11.12 -8.18 -40.88
N CYS C 117 -11.63 -9.39 -41.05
CA CYS C 117 -12.57 -9.96 -40.09
C CYS C 117 -11.94 -9.97 -38.70
N ASP C 118 -10.74 -10.55 -38.62
CA ASP C 118 -9.99 -10.75 -37.36
C ASP C 118 -9.95 -9.47 -36.55
N ALA C 119 -9.50 -8.41 -37.21
CA ALA C 119 -9.50 -7.09 -36.62
C ALA C 119 -10.88 -6.70 -36.09
N GLU C 120 -11.89 -6.74 -36.96
CA GLU C 120 -13.25 -6.30 -36.61
C GLU C 120 -13.90 -7.17 -35.56
N ARG C 121 -13.60 -8.45 -35.60
CA ARG C 121 -14.06 -9.34 -34.57
C ARG C 121 -13.51 -8.88 -33.23
N ILE C 122 -12.22 -8.58 -33.19
CA ILE C 122 -11.56 -8.07 -31.97
C ILE C 122 -12.22 -6.79 -31.46
N LYS C 123 -12.52 -5.88 -32.36
CA LYS C 123 -13.16 -4.61 -31.99
C LYS C 123 -14.49 -4.84 -31.29
N LEU C 124 -15.26 -5.81 -31.81
CA LEU C 124 -16.62 -6.12 -31.30
C LEU C 124 -16.52 -6.79 -29.94
N GLU C 125 -15.57 -7.73 -29.83
CA GLU C 125 -15.33 -8.43 -28.60
C GLU C 125 -14.98 -7.46 -27.48
N ALA C 126 -14.07 -6.54 -27.79
CA ALA C 126 -13.70 -5.46 -26.89
C ALA C 126 -14.91 -4.65 -26.47
N GLU C 127 -15.76 -4.25 -27.43
CA GLU C 127 -16.94 -3.39 -27.15
C GLU C 127 -17.99 -4.12 -26.33
N ARG C 128 -18.24 -5.36 -26.69
CA ARG C 128 -19.12 -6.21 -25.91
C ARG C 128 -18.59 -6.26 -24.47
N PHE C 129 -17.30 -6.55 -24.30
CA PHE C 129 -16.73 -6.61 -22.96
C PHE C 129 -16.94 -5.31 -22.19
N GLU C 130 -16.59 -4.19 -22.79
CA GLU C 130 -16.81 -2.89 -22.18
C GLU C 130 -18.26 -2.79 -21.70
N ASN C 131 -19.17 -3.35 -22.48
CA ASN C 131 -20.58 -3.36 -22.08
C ASN C 131 -20.75 -4.27 -20.89
N LEU C 132 -20.01 -5.36 -20.86
CA LEU C 132 -20.28 -6.42 -19.89
C LEU C 132 -19.74 -6.14 -18.49
N ARG C 133 -18.60 -5.47 -18.41
CA ARG C 133 -17.97 -5.08 -17.13
C ARG C 133 -18.97 -4.45 -16.21
N GLU C 134 -19.74 -3.50 -16.72
CA GLU C 134 -20.66 -2.74 -15.89
C GLU C 134 -22.12 -3.24 -15.96
N ILE C 135 -22.29 -4.56 -15.98
CA ILE C 135 -23.60 -5.15 -15.89
C ILE C 135 -23.66 -6.02 -14.64
N GLY C 136 -24.60 -5.69 -13.76
CA GLY C 136 -24.66 -6.26 -12.41
C GLY C 136 -25.11 -7.71 -12.34
N ASN C 137 -24.64 -8.40 -11.30
CA ASN C 137 -24.99 -9.80 -11.06
C ASN C 137 -26.52 -9.99 -10.89
N LEU C 138 -26.97 -11.25 -10.90
CA LEU C 138 -28.36 -11.53 -10.61
C LEU C 138 -28.65 -11.35 -9.14
N LEU C 139 -29.86 -10.88 -8.84
CA LEU C 139 -30.28 -10.63 -7.46
C LEU C 139 -31.09 -11.78 -6.89
N HIS C 140 -30.80 -12.13 -5.63
CA HIS C 140 -31.59 -13.10 -4.89
C HIS C 140 -32.96 -12.50 -4.52
N PRO C 141 -34.06 -13.28 -4.66
CA PRO C 141 -35.39 -12.67 -4.44
C PRO C 141 -35.49 -12.00 -3.08
N SER C 142 -34.92 -12.69 -2.08
CA SER C 142 -34.90 -12.23 -0.69
C SER C 142 -34.25 -10.87 -0.46
N VAL C 143 -33.51 -10.35 -1.43
CA VAL C 143 -33.00 -8.99 -1.31
C VAL C 143 -34.15 -7.98 -1.49
N PRO C 144 -34.16 -6.91 -0.67
CA PRO C 144 -35.13 -5.82 -0.82
C PRO C 144 -34.93 -5.04 -2.12
N ILE C 145 -35.99 -4.49 -2.67
CA ILE C 145 -35.92 -3.86 -3.98
C ILE C 145 -36.22 -2.38 -3.88
N SER C 146 -35.19 -1.58 -3.55
CA SER C 146 -35.31 -0.13 -3.61
C SER C 146 -33.96 0.55 -3.62
N ASN C 147 -33.97 1.85 -3.94
CA ASN C 147 -32.74 2.60 -4.12
C ASN C 147 -32.17 3.17 -2.83
N ASP C 148 -33.02 3.85 -2.05
CA ASP C 148 -32.59 4.40 -0.76
C ASP C 148 -32.57 3.31 0.32
N GLU C 149 -31.62 3.43 1.25
CA GLU C 149 -31.32 2.36 2.20
C GLU C 149 -32.02 2.57 3.55
N ASP C 150 -31.98 3.79 4.09
CA ASP C 150 -32.49 4.05 5.44
C ASP C 150 -33.99 3.78 5.57
N VAL C 151 -34.75 3.99 4.50
CA VAL C 151 -36.20 3.76 4.50
C VAL C 151 -36.59 2.30 4.19
N ASP C 152 -35.91 1.71 3.22
CA ASP C 152 -36.31 0.42 2.70
C ASP C 152 -35.36 -0.74 3.07
N ASN C 153 -34.51 -0.56 4.08
CA ASN C 153 -33.75 -1.70 4.62
C ASN C 153 -34.63 -2.54 5.53
N LYS C 154 -34.31 -3.82 5.62
CA LYS C 154 -35.11 -4.75 6.41
C LYS C 154 -34.23 -5.46 7.41
N VAL C 155 -34.59 -5.36 8.68
CA VAL C 155 -33.85 -6.03 9.74
C VAL C 155 -34.38 -7.46 9.89
N GLU C 156 -33.45 -8.41 9.97
CA GLU C 156 -33.80 -9.82 10.11
C GLU C 156 -33.60 -10.30 11.54
N ARG C 157 -32.43 -10.02 12.10
CA ARG C 157 -32.11 -10.45 13.44
C ARG C 157 -31.72 -9.25 14.29
N ILE C 158 -31.86 -9.40 15.61
CA ILE C 158 -31.29 -8.46 16.60
C ILE C 158 -30.71 -9.33 17.71
N TRP C 159 -29.56 -8.90 18.24
CA TRP C 159 -28.94 -9.55 19.39
C TRP C 159 -28.55 -8.51 20.41
N GLY C 160 -28.44 -8.92 21.65
CA GLY C 160 -27.85 -8.07 22.67
C GLY C 160 -28.70 -6.92 23.18
N ASP C 161 -28.18 -6.28 24.22
CA ASP C 161 -28.85 -5.20 24.95
C ASP C 161 -28.26 -3.87 24.50
N CYS C 162 -29.07 -2.84 24.21
CA CYS C 162 -30.52 -2.82 24.36
C CYS C 162 -31.04 -1.49 23.80
N THR C 163 -30.35 -0.98 22.79
CA THR C 163 -30.44 0.45 22.45
C THR C 163 -30.31 1.27 23.76
N VAL C 164 -29.19 1.01 24.45
CA VAL C 164 -28.79 1.70 25.69
C VAL C 164 -28.07 2.98 25.30
N ARG C 165 -28.04 3.95 26.20
CA ARG C 165 -27.31 5.19 25.93
C ARG C 165 -26.23 5.45 26.98
N LYS C 166 -25.27 6.29 26.60
CA LYS C 166 -24.20 6.73 27.48
C LYS C 166 -23.79 8.10 26.96
N LYS C 167 -22.64 8.59 27.41
CA LYS C 167 -22.11 9.86 26.93
C LYS C 167 -20.73 9.61 26.35
N TYR C 168 -20.12 10.67 25.82
CA TYR C 168 -18.76 10.63 25.28
C TYR C 168 -18.63 9.72 24.04
N SER C 169 -18.95 10.33 22.90
CA SER C 169 -18.79 9.69 21.60
C SER C 169 -17.34 9.18 21.42
N HIS C 170 -17.16 8.32 20.43
CA HIS C 170 -15.83 7.81 20.08
C HIS C 170 -14.84 8.90 19.74
N VAL C 171 -15.36 10.00 19.21
CA VAL C 171 -14.57 11.17 18.94
C VAL C 171 -13.81 11.63 20.20
N ASP C 172 -14.53 11.73 21.31
CA ASP C 172 -13.96 12.23 22.55
C ASP C 172 -13.22 11.13 23.25
N LEU C 173 -13.72 9.92 23.10
CA LEU C 173 -13.09 8.77 23.72
C LEU C 173 -11.64 8.59 23.24
N VAL C 174 -11.43 8.57 21.92
CA VAL C 174 -10.10 8.29 21.35
C VAL C 174 -9.07 9.31 21.83
N VAL C 175 -9.55 10.53 22.06
CA VAL C 175 -8.73 11.59 22.60
C VAL C 175 -8.44 11.27 24.04
N MET C 176 -9.50 11.20 24.83
CA MET C 176 -9.40 11.05 26.29
C MET C 176 -8.47 9.95 26.80
N VAL C 177 -8.23 8.93 25.99
CA VAL C 177 -7.36 7.83 26.38
C VAL C 177 -5.94 8.06 25.90
N ASP C 178 -5.79 9.11 25.07
CA ASP C 178 -4.53 9.46 24.46
C ASP C 178 -4.11 8.32 23.55
N GLY C 179 -4.95 8.06 22.55
CA GLY C 179 -4.61 7.09 21.51
C GLY C 179 -4.71 7.63 20.12
N PHE C 180 -5.06 8.91 19.97
CA PHE C 180 -5.34 9.51 18.68
C PHE C 180 -4.72 10.90 18.51
N GLU C 181 -3.93 11.07 17.46
CA GLU C 181 -3.37 12.37 17.10
C GLU C 181 -3.85 12.75 15.71
N GLY C 182 -4.88 13.61 15.67
CA GLY C 182 -5.55 13.96 14.42
C GLY C 182 -4.95 15.13 13.70
N GLU C 183 -4.45 16.11 14.44
CA GLU C 183 -3.98 17.36 13.83
C GLU C 183 -2.66 17.15 13.12
N LYS C 184 -1.71 16.50 13.79
CA LYS C 184 -0.38 16.29 13.23
C LYS C 184 -0.39 15.23 12.15
N GLY C 185 -1.36 14.30 12.23
CA GLY C 185 -1.59 13.31 11.17
C GLY C 185 -2.29 13.87 9.93
N ALA C 186 -3.09 14.91 10.10
CA ALA C 186 -3.62 15.60 8.94
C ALA C 186 -2.49 16.33 8.21
N VAL C 187 -1.48 16.81 8.96
CA VAL C 187 -0.31 17.52 8.40
C VAL C 187 0.57 16.55 7.60
N VAL C 188 0.79 15.38 8.17
CA VAL C 188 1.63 14.40 7.53
C VAL C 188 0.92 13.79 6.32
N ALA C 189 -0.21 13.11 6.52
CA ALA C 189 -0.85 12.29 5.45
C ALA C 189 -2.02 12.98 4.77
N GLY C 190 -2.27 14.24 5.12
CA GLY C 190 -3.37 14.97 4.53
C GLY C 190 -4.61 14.68 5.32
N SER C 191 -5.75 15.13 4.80
CA SER C 191 -7.00 15.07 5.55
C SER C 191 -7.37 13.65 5.95
N ARG C 192 -7.97 13.54 7.15
CA ARG C 192 -8.43 12.28 7.74
C ARG C 192 -7.32 11.36 8.20
N GLY C 193 -6.08 11.79 8.06
CA GLY C 193 -4.92 10.98 8.45
C GLY C 193 -4.74 10.98 9.96
N TYR C 194 -4.11 9.96 10.50
CA TYR C 194 -4.08 9.80 11.95
C TYR C 194 -2.91 9.00 12.47
N PHE C 195 -2.43 9.41 13.63
CA PHE C 195 -1.47 8.63 14.36
C PHE C 195 -2.27 7.92 15.43
N LEU C 196 -2.16 6.59 15.47
CA LEU C 196 -2.76 5.83 16.57
C LEU C 196 -1.58 5.50 17.47
N LYS C 197 -1.75 5.73 18.77
CA LYS C 197 -0.62 5.62 19.72
C LYS C 197 -0.93 4.89 21.03
N GLY C 198 0.09 4.19 21.51
CA GLY C 198 0.13 3.68 22.86
C GLY C 198 -0.78 2.52 23.12
N VAL C 199 -1.80 2.77 23.95
CA VAL C 199 -2.71 1.73 24.42
C VAL C 199 -3.64 1.20 23.34
N LEU C 200 -4.19 2.09 22.52
CA LEU C 200 -5.04 1.63 21.43
C LEU C 200 -4.29 0.67 20.51
N VAL C 201 -3.02 0.93 20.28
CA VAL C 201 -2.16 0.05 19.48
C VAL C 201 -2.21 -1.39 19.99
N PHE C 202 -2.12 -1.53 21.31
CA PHE C 202 -2.27 -2.83 21.93
C PHE C 202 -3.68 -3.34 21.70
N LEU C 203 -4.67 -2.49 21.96
CA LEU C 203 -6.07 -2.86 21.79
C LEU C 203 -6.29 -3.45 20.39
N GLU C 204 -5.86 -2.71 19.38
CA GLU C 204 -5.96 -3.18 18.01
C GLU C 204 -5.29 -4.53 17.95
N GLN C 205 -3.99 -4.57 18.21
CA GLN C 205 -3.23 -5.82 18.17
C GLN C 205 -3.94 -6.98 18.86
N ALA C 206 -4.69 -6.68 19.92
CA ALA C 206 -5.50 -7.69 20.59
C ALA C 206 -6.49 -8.26 19.60
N LEU C 207 -7.41 -7.39 19.14
CA LEU C 207 -8.45 -7.72 18.17
C LEU C 207 -7.92 -8.64 17.07
N ILE C 208 -6.85 -8.19 16.41
CA ILE C 208 -6.17 -9.00 15.37
C ILE C 208 -5.89 -10.38 15.95
N GLN C 209 -5.14 -10.41 17.05
CA GLN C 209 -4.66 -11.64 17.64
C GLN C 209 -5.81 -12.58 17.96
N TYR C 210 -6.91 -11.99 18.40
CA TYR C 210 -8.14 -12.71 18.77
C TYR C 210 -8.85 -13.30 17.56
N ALA C 211 -9.25 -12.43 16.63
CA ALA C 211 -9.95 -12.87 15.43
C ALA C 211 -9.13 -13.95 14.76
N LEU C 212 -7.83 -13.70 14.58
CA LEU C 212 -6.89 -14.69 14.02
C LEU C 212 -6.88 -16.07 14.67
N ARG C 213 -7.06 -16.14 15.98
CA ARG C 213 -7.14 -17.44 16.65
C ARG C 213 -8.53 -18.04 16.53
N THR C 214 -9.56 -17.17 16.55
CA THR C 214 -10.95 -17.61 16.41
C THR C 214 -11.15 -18.38 15.12
N LEU C 215 -10.85 -17.72 14.01
CA LEU C 215 -11.00 -18.31 12.70
C LEU C 215 -9.95 -19.40 12.49
N GLY C 216 -8.74 -19.18 12.99
CA GLY C 216 -7.69 -20.19 12.90
C GLY C 216 -8.10 -21.49 13.58
N SER C 217 -8.99 -21.40 14.56
CA SER C 217 -9.58 -22.57 15.20
C SER C 217 -10.66 -23.23 14.34
N ARG C 218 -11.50 -22.42 13.69
CA ARG C 218 -12.63 -22.92 12.90
C ARG C 218 -12.29 -23.34 11.45
N GLY C 219 -11.03 -23.70 11.20
CA GLY C 219 -10.63 -24.25 9.90
C GLY C 219 -10.19 -23.25 8.83
N TYR C 220 -10.39 -21.95 9.07
CA TYR C 220 -9.91 -20.90 8.15
C TYR C 220 -8.39 -20.81 8.15
N ILE C 221 -7.84 -20.63 6.95
CA ILE C 221 -6.39 -20.61 6.79
C ILE C 221 -5.97 -19.16 6.89
N PRO C 222 -5.12 -18.81 7.88
CA PRO C 222 -4.63 -17.44 8.04
C PRO C 222 -3.82 -16.98 6.83
N ILE C 223 -4.01 -15.75 6.38
CA ILE C 223 -3.32 -15.29 5.18
C ILE C 223 -3.09 -13.76 5.17
N TYR C 224 -1.85 -13.41 4.84
CA TYR C 224 -1.41 -12.04 4.84
C TYR C 224 -1.25 -11.67 3.37
N THR C 225 -2.03 -10.70 2.93
CA THR C 225 -2.08 -10.35 1.50
C THR C 225 -1.08 -9.28 1.16
N PRO C 226 -0.79 -9.13 -0.12
CA PRO C 226 -0.14 -7.90 -0.54
C PRO C 226 -1.17 -6.80 -0.50
N PHE C 227 -0.72 -5.56 -0.30
CA PHE C 227 -1.61 -4.42 -0.11
C PHE C 227 -1.87 -3.71 -1.44
N PHE C 228 -1.05 -4.00 -2.46
CA PHE C 228 -1.33 -3.51 -3.80
C PHE C 228 -1.34 -4.59 -4.87
N MET C 229 -2.09 -4.33 -5.93
CA MET C 229 -2.31 -5.27 -7.03
C MET C 229 -1.99 -4.65 -8.38
N ARG C 230 -1.65 -5.50 -9.34
CA ARG C 230 -1.31 -5.06 -10.68
C ARG C 230 -2.57 -4.61 -11.36
N LYS C 231 -2.42 -3.64 -12.27
CA LYS C 231 -3.57 -3.08 -13.01
C LYS C 231 -4.47 -4.21 -13.47
N GLU C 232 -3.95 -5.04 -14.38
CA GLU C 232 -4.70 -6.18 -14.90
C GLU C 232 -5.63 -6.81 -13.86
N VAL C 233 -5.07 -7.22 -12.73
CA VAL C 233 -5.80 -8.08 -11.79
C VAL C 233 -6.79 -7.28 -10.96
N MET C 234 -6.42 -6.05 -10.61
CA MET C 234 -7.28 -5.17 -9.85
C MET C 234 -8.47 -4.87 -10.72
N GLN C 235 -8.21 -4.71 -12.02
CA GLN C 235 -9.28 -4.49 -13.00
C GLN C 235 -10.23 -5.66 -13.05
N GLU C 236 -9.71 -6.86 -12.80
CA GLU C 236 -10.58 -8.02 -12.75
C GLU C 236 -11.45 -8.10 -11.48
N VAL C 237 -10.97 -7.53 -10.38
CA VAL C 237 -11.64 -7.65 -9.07
C VAL C 237 -12.46 -6.42 -8.64
N ALA C 238 -12.26 -5.29 -9.31
CA ALA C 238 -12.96 -4.06 -8.95
C ALA C 238 -13.73 -3.48 -10.14
N GLN C 239 -14.76 -2.70 -9.87
CA GLN C 239 -15.55 -2.07 -10.92
C GLN C 239 -15.15 -0.61 -11.09
N LEU C 240 -15.59 0.02 -12.18
CA LEU C 240 -15.13 1.36 -12.57
C LEU C 240 -15.31 2.39 -11.46
N SER C 241 -16.51 2.43 -10.89
CA SER C 241 -16.81 3.44 -9.89
C SER C 241 -15.82 3.34 -8.73
N GLN C 242 -15.39 2.14 -8.42
CA GLN C 242 -14.41 1.92 -7.37
C GLN C 242 -13.09 2.58 -7.74
N PHE C 243 -12.60 2.32 -8.96
CA PHE C 243 -11.38 2.96 -9.51
C PHE C 243 -11.40 4.50 -9.46
N ASP C 244 -12.59 5.06 -9.65
CA ASP C 244 -12.81 6.51 -9.65
C ASP C 244 -12.84 7.08 -8.24
N GLU C 245 -13.39 6.33 -7.29
CA GLU C 245 -13.69 6.90 -5.98
C GLU C 245 -13.31 6.05 -4.78
N GLU C 246 -12.44 5.07 -4.97
CA GLU C 246 -11.97 4.31 -3.79
C GLU C 246 -10.50 3.89 -3.90
N LEU C 247 -10.11 3.33 -5.03
CA LEU C 247 -8.78 2.77 -5.16
C LEU C 247 -7.77 3.82 -5.43
N TYR C 248 -6.76 3.91 -4.56
CA TYR C 248 -5.63 4.82 -4.78
C TYR C 248 -4.82 4.21 -5.89
N LYS C 249 -4.07 5.03 -6.62
CA LYS C 249 -3.16 4.54 -7.66
C LYS C 249 -1.70 4.71 -7.26
N VAL C 250 -0.98 3.60 -7.26
CA VAL C 250 0.42 3.64 -6.88
C VAL C 250 1.25 3.38 -8.11
N ILE C 251 2.42 4.01 -8.17
CA ILE C 251 3.27 3.89 -9.34
C ILE C 251 4.62 3.39 -8.95
N GLY C 252 5.03 2.32 -9.59
CA GLY C 252 6.32 1.70 -9.38
C GLY C 252 7.17 1.84 -10.61
N LYS C 253 8.37 1.26 -10.57
CA LYS C 253 9.31 1.34 -11.66
C LYS C 253 9.17 0.16 -12.62
N GLY C 254 8.51 -0.91 -12.18
CA GLY C 254 8.34 -2.08 -13.04
C GLY C 254 9.62 -2.79 -13.47
N SER C 255 10.74 -2.46 -12.80
CA SER C 255 12.01 -3.15 -12.98
C SER C 255 13.00 -2.67 -11.94
N GLU C 256 13.77 -3.60 -11.38
CA GLU C 256 14.75 -3.26 -10.35
C GLU C 256 16.15 -2.98 -10.92
N LYS C 257 16.22 -2.30 -12.06
CA LYS C 257 17.52 -1.90 -12.59
C LYS C 257 17.55 -0.40 -12.78
N SER C 258 18.69 0.20 -12.42
CA SER C 258 18.92 1.63 -12.66
C SER C 258 18.63 1.99 -14.12
N ASP C 259 19.03 1.08 -15.01
CA ASP C 259 18.90 1.29 -16.45
C ASP C 259 17.46 1.63 -16.82
N ASP C 260 16.52 0.92 -16.21
CA ASP C 260 15.11 0.99 -16.62
C ASP C 260 14.46 2.30 -16.26
N ASN C 261 13.84 2.93 -17.25
CA ASN C 261 13.08 4.15 -17.03
C ASN C 261 11.58 3.96 -17.13
N SER C 262 11.14 2.76 -17.49
CA SER C 262 9.73 2.44 -17.58
C SER C 262 9.13 2.40 -16.18
N TYR C 263 7.80 2.56 -16.12
CA TYR C 263 7.02 2.54 -14.87
C TYR C 263 5.89 1.51 -14.93
N ASP C 264 5.46 1.04 -13.78
CA ASP C 264 4.33 0.11 -13.73
C ASP C 264 3.27 0.65 -12.78
N GLU C 265 2.05 0.81 -13.30
CA GLU C 265 0.92 1.31 -12.53
C GLU C 265 0.22 0.19 -11.74
N LYS C 266 0.20 0.36 -10.42
CA LYS C 266 -0.52 -0.55 -9.53
C LYS C 266 -1.57 0.22 -8.73
N TYR C 267 -2.37 -0.53 -7.99
CA TYR C 267 -3.45 0.02 -7.18
C TYR C 267 -3.50 -0.60 -5.78
N LEU C 268 -3.66 0.25 -4.77
CA LEU C 268 -3.77 -0.19 -3.37
C LEU C 268 -5.18 -0.68 -3.04
N ILE C 269 -5.23 -1.85 -2.41
CA ILE C 269 -6.48 -2.55 -2.19
C ILE C 269 -7.35 -1.85 -1.16
N ALA C 270 -8.66 -1.99 -1.31
CA ALA C 270 -9.63 -1.42 -0.38
C ALA C 270 -10.23 -2.48 0.52
N THR C 271 -9.85 -3.74 0.26
CA THR C 271 -10.31 -4.91 1.02
C THR C 271 -9.36 -6.07 0.79
N SER C 272 -9.32 -7.02 1.71
CA SER C 272 -8.52 -8.23 1.51
C SER C 272 -9.19 -9.19 0.52
N GLU C 273 -10.51 -9.10 0.39
CA GLU C 273 -11.26 -9.73 -0.70
C GLU C 273 -10.50 -9.76 -2.04
N GLN C 274 -10.01 -8.61 -2.45
CA GLN C 274 -9.37 -8.42 -3.74
C GLN C 274 -8.06 -9.21 -3.95
N PRO C 275 -7.05 -9.10 -3.04
CA PRO C 275 -5.88 -9.96 -3.23
C PRO C 275 -6.17 -11.44 -3.05
N ILE C 276 -7.19 -11.78 -2.26
CA ILE C 276 -7.55 -13.20 -2.01
C ILE C 276 -8.27 -13.81 -3.19
N ALA C 277 -9.22 -13.06 -3.76
CA ALA C 277 -9.89 -13.45 -5.00
C ALA C 277 -8.88 -13.76 -6.08
N ALA C 278 -7.78 -13.01 -6.12
CA ALA C 278 -6.67 -13.22 -7.07
C ALA C 278 -5.63 -14.27 -6.64
N LEU C 279 -5.82 -14.90 -5.49
CA LEU C 279 -4.94 -15.97 -5.06
C LEU C 279 -5.06 -17.13 -6.07
N HIS C 280 -6.29 -17.63 -6.23
CA HIS C 280 -6.58 -18.78 -7.10
C HIS C 280 -7.18 -18.34 -8.45
N ARG C 281 -6.45 -17.50 -9.17
CA ARG C 281 -6.87 -17.06 -10.49
C ARG C 281 -6.51 -18.14 -11.51
N ASP C 282 -7.37 -18.33 -12.51
CA ASP C 282 -7.08 -19.28 -13.59
C ASP C 282 -6.77 -20.65 -13.03
N GLU C 283 -7.62 -21.17 -12.15
CA GLU C 283 -7.41 -22.52 -11.59
C GLU C 283 -8.68 -23.37 -11.56
N TRP C 284 -8.46 -24.68 -11.51
CA TRP C 284 -9.52 -25.66 -11.48
C TRP C 284 -9.62 -26.19 -10.07
N LEU C 285 -10.57 -25.67 -9.31
CA LEU C 285 -10.68 -26.06 -7.92
C LEU C 285 -11.29 -27.44 -7.77
N ARG C 286 -10.61 -28.32 -7.04
CA ARG C 286 -11.01 -29.71 -6.88
C ARG C 286 -12.25 -29.87 -6.01
N PRO C 287 -13.19 -30.75 -6.40
CA PRO C 287 -14.40 -31.01 -5.61
C PRO C 287 -14.10 -31.56 -4.21
N GLU C 288 -13.02 -32.32 -4.10
CA GLU C 288 -12.54 -32.89 -2.82
C GLU C 288 -12.19 -31.83 -1.79
N ASP C 289 -11.59 -30.73 -2.25
CA ASP C 289 -11.23 -29.62 -1.37
C ASP C 289 -12.49 -28.84 -1.03
N LEU C 290 -13.23 -29.36 -0.05
CA LEU C 290 -14.52 -28.79 0.32
C LEU C 290 -14.30 -27.32 0.66
N PRO C 291 -15.40 -26.56 0.74
CA PRO C 291 -15.29 -25.13 0.94
C PRO C 291 -13.97 -24.71 1.60
N ILE C 292 -13.09 -24.07 0.82
CA ILE C 292 -11.78 -23.57 1.27
C ILE C 292 -11.98 -22.25 1.97
N LYS C 293 -11.58 -22.19 3.23
CA LYS C 293 -11.76 -21.02 4.07
C LYS C 293 -10.42 -20.34 4.29
N TYR C 294 -10.42 -19.01 4.13
CA TYR C 294 -9.24 -18.18 4.31
C TYR C 294 -9.54 -17.06 5.29
N ALA C 295 -8.57 -16.81 6.17
CA ALA C 295 -8.60 -15.68 7.11
C ALA C 295 -7.64 -14.60 6.62
N GLY C 296 -8.22 -13.57 5.99
CA GLY C 296 -7.43 -12.52 5.38
C GLY C 296 -7.10 -11.39 6.32
N LEU C 297 -5.79 -11.20 6.54
CA LEU C 297 -5.28 -10.13 7.37
C LEU C 297 -4.55 -9.09 6.54
N SER C 298 -5.14 -7.91 6.42
CA SER C 298 -4.56 -6.86 5.59
C SER C 298 -5.10 -5.50 5.95
N THR C 299 -4.23 -4.49 5.83
CA THR C 299 -4.66 -3.09 5.93
C THR C 299 -5.34 -2.70 4.60
N CYS C 300 -6.31 -1.80 4.67
CA CYS C 300 -7.15 -1.44 3.53
C CYS C 300 -7.21 0.05 3.30
N PHE C 301 -6.83 0.48 2.09
CA PHE C 301 -6.84 1.89 1.75
C PHE C 301 -8.04 2.31 0.93
N ARG C 302 -8.79 3.26 1.47
CA ARG C 302 -9.86 3.88 0.75
C ARG C 302 -9.55 5.38 0.53
N GLN C 303 -9.83 5.86 -0.67
CA GLN C 303 -9.73 7.28 -0.94
C GLN C 303 -10.92 7.99 -0.28
N GLU C 304 -12.07 7.31 -0.24
CA GLU C 304 -13.32 7.84 0.38
C GLU C 304 -13.71 9.16 -0.25
N VAL C 305 -13.91 9.13 -1.57
CA VAL C 305 -14.27 10.32 -2.35
C VAL C 305 -15.77 10.60 -2.32
N GLY C 306 -16.59 9.55 -2.28
CA GLY C 306 -18.02 9.78 -2.15
C GLY C 306 -18.32 10.83 -1.07
N SER C 307 -17.87 10.55 0.14
CA SER C 307 -18.39 11.25 1.31
C SER C 307 -17.49 12.39 1.76
N HIS C 308 -18.01 13.61 1.70
CA HIS C 308 -17.29 14.76 2.24
C HIS C 308 -18.05 15.29 3.42
N GLY C 309 -17.33 15.66 4.47
CA GLY C 309 -17.96 16.16 5.68
C GLY C 309 -18.85 15.13 6.36
N ARG C 310 -18.33 13.92 6.52
CA ARG C 310 -19.01 12.89 7.32
C ARG C 310 -17.99 12.20 8.24
N ASP C 311 -18.25 12.24 9.55
CA ASP C 311 -17.40 11.56 10.56
C ASP C 311 -15.94 12.01 10.52
N THR C 312 -15.74 13.31 10.53
CA THR C 312 -14.45 13.88 10.22
C THR C 312 -13.40 13.81 11.35
N ARG C 313 -13.86 13.74 12.60
CA ARG C 313 -12.96 13.94 13.72
C ARG C 313 -12.15 12.72 14.16
N GLY C 314 -12.84 11.61 14.41
CA GLY C 314 -12.21 10.46 15.09
C GLY C 314 -11.37 9.56 14.22
N ILE C 315 -11.48 8.26 14.48
CA ILE C 315 -10.95 7.23 13.60
C ILE C 315 -12.07 6.36 13.03
N PHE C 316 -13.25 6.94 12.82
CA PHE C 316 -14.38 6.16 12.34
C PHE C 316 -14.31 5.95 10.84
N ARG C 317 -13.96 7.01 10.13
CA ARG C 317 -13.80 6.94 8.67
C ARG C 317 -12.43 7.52 8.26
N VAL C 318 -11.50 6.63 7.94
CA VAL C 318 -10.13 7.00 7.60
C VAL C 318 -9.73 6.40 6.24
N HIS C 319 -8.65 6.94 5.66
CA HIS C 319 -8.13 6.44 4.39
C HIS C 319 -7.23 5.22 4.57
N GLN C 320 -7.01 4.76 5.80
CA GLN C 320 -6.13 3.61 6.02
C GLN C 320 -6.48 2.96 7.31
N PHE C 321 -6.78 1.66 7.26
CA PHE C 321 -7.18 0.92 8.46
C PHE C 321 -6.97 -0.59 8.28
N GLU C 322 -6.54 -1.28 9.35
CA GLU C 322 -6.37 -2.73 9.30
C GLU C 322 -7.72 -3.38 9.22
N LYS C 323 -7.77 -4.59 8.67
CA LYS C 323 -9.00 -5.33 8.57
C LYS C 323 -8.75 -6.84 8.47
N ILE C 324 -9.64 -7.60 9.13
CA ILE C 324 -9.68 -9.06 9.05
C ILE C 324 -10.94 -9.53 8.30
N GLU C 325 -10.73 -10.33 7.25
CA GLU C 325 -11.83 -10.76 6.37
C GLU C 325 -11.88 -12.26 6.29
N GLN C 326 -13.09 -12.79 6.32
CA GLN C 326 -13.30 -14.22 6.12
C GLN C 326 -13.73 -14.40 4.67
N PHE C 327 -12.90 -15.14 3.93
CA PHE C 327 -13.12 -15.36 2.51
C PHE C 327 -13.12 -16.86 2.24
N VAL C 328 -14.23 -17.33 1.67
CA VAL C 328 -14.40 -18.75 1.38
C VAL C 328 -14.67 -18.99 -0.11
N TYR C 329 -14.04 -20.03 -0.64
CA TYR C 329 -14.39 -20.57 -1.94
C TYR C 329 -15.37 -21.72 -1.70
N SER C 330 -16.55 -21.68 -2.32
CA SER C 330 -17.60 -22.67 -2.11
C SER C 330 -18.08 -23.27 -3.43
N SER C 331 -18.87 -24.34 -3.33
CA SER C 331 -19.56 -24.94 -4.49
C SER C 331 -20.95 -24.29 -4.75
N PRO C 332 -21.35 -24.16 -6.04
CA PRO C 332 -22.65 -23.58 -6.36
C PRO C 332 -23.78 -24.61 -6.20
N HIS C 333 -23.43 -25.89 -6.22
CA HIS C 333 -24.38 -26.98 -6.08
C HIS C 333 -24.94 -27.03 -4.66
N ASP C 334 -26.12 -27.60 -4.54
CA ASP C 334 -26.78 -27.79 -3.25
C ASP C 334 -26.80 -26.49 -2.45
N ASN C 335 -27.07 -25.37 -3.13
CA ASN C 335 -27.08 -24.08 -2.46
C ASN C 335 -26.01 -23.96 -1.37
N LYS C 336 -24.85 -24.57 -1.60
CA LYS C 336 -23.81 -24.66 -0.57
C LYS C 336 -23.22 -23.30 -0.17
N SER C 337 -23.01 -22.43 -1.15
CA SER C 337 -22.56 -21.08 -0.87
C SER C 337 -23.56 -20.38 0.02
N TRP C 338 -24.85 -20.47 -0.31
CA TRP C 338 -25.91 -19.79 0.46
C TRP C 338 -26.07 -20.34 1.88
N GLU C 339 -25.67 -21.58 2.07
CA GLU C 339 -25.58 -22.14 3.40
C GLU C 339 -24.40 -21.50 4.12
N MET C 340 -23.20 -21.67 3.58
CA MET C 340 -21.96 -21.13 4.16
C MET C 340 -22.04 -19.62 4.37
N PHE C 341 -22.70 -18.94 3.45
CA PHE C 341 -23.09 -17.55 3.64
C PHE C 341 -23.72 -17.36 5.00
N GLU C 342 -24.83 -18.06 5.22
CA GLU C 342 -25.56 -17.97 6.47
C GLU C 342 -24.77 -18.46 7.66
N GLU C 343 -23.79 -19.32 7.40
CA GLU C 343 -22.83 -19.75 8.41
C GLU C 343 -21.88 -18.62 8.73
N MET C 344 -21.22 -18.08 7.70
CA MET C 344 -20.23 -17.03 7.91
C MET C 344 -20.81 -15.87 8.70
N ILE C 345 -22.02 -15.43 8.35
CA ILE C 345 -22.66 -14.34 9.10
C ILE C 345 -22.81 -14.70 10.57
N THR C 346 -23.21 -15.92 10.89
CA THR C 346 -23.31 -16.34 12.29
C THR C 346 -21.92 -16.36 12.94
N THR C 347 -20.88 -16.67 12.17
CA THR C 347 -19.50 -16.59 12.66
C THR C 347 -19.14 -15.21 13.20
N ALA C 348 -19.30 -14.19 12.37
CA ALA C 348 -19.11 -12.81 12.81
C ALA C 348 -20.04 -12.49 13.96
N GLU C 349 -21.31 -12.92 13.86
CA GLU C 349 -22.30 -12.73 14.93
C GLU C 349 -21.73 -13.21 16.26
N GLU C 350 -21.29 -14.46 16.29
CA GLU C 350 -20.72 -15.06 17.50
C GLU C 350 -19.49 -14.32 18.03
N PHE C 351 -18.61 -13.88 17.14
CA PHE C 351 -17.42 -13.10 17.56
C PHE C 351 -17.90 -11.88 18.32
N TYR C 352 -18.78 -11.09 17.70
CA TYR C 352 -19.34 -9.89 18.33
C TYR C 352 -20.25 -10.19 19.52
N GLN C 353 -20.83 -11.39 19.55
CA GLN C 353 -21.49 -11.84 20.76
C GLN C 353 -20.42 -12.02 21.80
N SER C 354 -19.28 -12.57 21.40
CA SER C 354 -18.19 -12.87 22.32
C SER C 354 -17.59 -11.61 22.91
N LEU C 355 -17.74 -10.50 22.18
CA LEU C 355 -17.24 -9.21 22.66
C LEU C 355 -18.31 -8.38 23.35
N GLY C 356 -19.51 -8.95 23.51
CA GLY C 356 -20.57 -8.28 24.25
C GLY C 356 -21.02 -7.01 23.60
N ILE C 357 -20.98 -7.00 22.27
CA ILE C 357 -21.35 -5.81 21.54
C ILE C 357 -22.75 -5.99 20.96
N PRO C 358 -23.70 -5.14 21.37
CA PRO C 358 -25.07 -5.24 20.85
C PRO C 358 -25.14 -4.88 19.39
N TYR C 359 -25.97 -5.61 18.61
CA TYR C 359 -26.07 -5.41 17.16
C TYR C 359 -27.34 -5.93 16.52
N HIS C 360 -27.50 -5.65 15.23
CA HIS C 360 -28.61 -6.17 14.46
C HIS C 360 -28.26 -6.35 12.98
N ILE C 361 -28.65 -7.50 12.45
CA ILE C 361 -28.38 -7.88 11.08
C ILE C 361 -29.38 -7.20 10.15
N VAL C 362 -28.93 -6.82 8.96
CA VAL C 362 -29.82 -6.17 7.99
C VAL C 362 -29.59 -6.74 6.59
N ASN C 363 -30.66 -6.81 5.80
CA ASN C 363 -30.58 -7.12 4.37
C ASN C 363 -30.51 -5.84 3.58
N ILE C 364 -29.47 -5.69 2.75
CA ILE C 364 -29.23 -4.44 2.04
C ILE C 364 -30.08 -4.40 0.78
N VAL C 365 -30.61 -3.21 0.49
CA VAL C 365 -31.45 -2.97 -0.70
C VAL C 365 -30.66 -3.08 -1.99
N SER C 366 -31.36 -3.44 -3.06
CA SER C 366 -30.73 -3.68 -4.36
C SER C 366 -29.96 -2.46 -4.87
N GLY C 367 -30.56 -1.29 -4.69
CA GLY C 367 -30.03 -0.04 -5.21
C GLY C 367 -28.72 0.46 -4.63
N SER C 368 -28.19 -0.24 -3.62
CA SER C 368 -26.89 0.08 -3.03
C SER C 368 -25.91 -1.09 -3.11
N LEU C 369 -26.26 -2.12 -3.88
CA LEU C 369 -25.40 -3.28 -4.01
C LEU C 369 -24.38 -3.12 -5.11
N ASN C 370 -23.13 -3.52 -4.81
CA ASN C 370 -22.05 -3.57 -5.81
C ASN C 370 -22.26 -4.71 -6.78
N HIS C 371 -21.72 -4.55 -7.98
CA HIS C 371 -22.00 -5.44 -9.10
C HIS C 371 -21.72 -6.91 -8.75
N ALA C 372 -20.64 -7.13 -8.01
CA ALA C 372 -20.15 -8.47 -7.79
C ALA C 372 -21.15 -9.27 -6.97
N ALA C 373 -21.69 -8.64 -5.95
CA ALA C 373 -22.56 -9.34 -5.02
C ALA C 373 -23.93 -9.71 -5.63
N SER C 374 -24.41 -10.89 -5.20
CA SER C 374 -25.79 -11.30 -5.41
C SER C 374 -26.67 -10.91 -4.23
N LYS C 375 -26.10 -10.91 -3.02
CA LYS C 375 -26.79 -10.47 -1.78
C LYS C 375 -25.80 -10.16 -0.63
N LYS C 376 -25.99 -9.02 0.04
CA LYS C 376 -25.07 -8.57 1.11
C LYS C 376 -25.78 -8.37 2.43
N LEU C 377 -25.20 -8.93 3.49
CA LEU C 377 -25.70 -8.79 4.85
C LEU C 377 -24.84 -7.81 5.64
N ASP C 378 -25.48 -6.85 6.30
CA ASP C 378 -24.78 -5.81 7.04
C ASP C 378 -25.09 -5.90 8.53
N LEU C 379 -24.08 -6.31 9.31
CA LEU C 379 -24.18 -6.36 10.77
C LEU C 379 -23.92 -4.96 11.30
N GLU C 380 -24.95 -4.34 11.85
CA GLU C 380 -24.84 -2.98 12.38
C GLU C 380 -24.80 -2.98 13.92
N ALA C 381 -23.65 -2.61 14.48
CA ALA C 381 -23.43 -2.58 15.92
C ALA C 381 -23.84 -1.25 16.53
N TRP C 382 -24.42 -1.34 17.73
CA TRP C 382 -25.00 -0.17 18.38
C TRP C 382 -23.94 0.67 19.08
N PHE C 383 -23.93 1.97 18.75
CA PHE C 383 -23.08 2.94 19.42
C PHE C 383 -23.89 3.73 20.44
N PRO C 384 -23.71 3.39 21.74
CA PRO C 384 -24.38 4.14 22.80
C PRO C 384 -23.94 5.60 22.86
N GLY C 385 -22.62 5.83 23.03
CA GLY C 385 -22.06 7.19 23.12
C GLY C 385 -22.30 8.12 21.93
N SER C 386 -22.33 7.57 20.72
CA SER C 386 -22.64 8.34 19.52
C SER C 386 -24.18 8.40 19.37
N GLY C 387 -24.84 7.31 19.75
CA GLY C 387 -26.30 7.25 19.79
C GLY C 387 -26.94 6.72 18.52
N ALA C 388 -26.30 5.75 17.88
CA ALA C 388 -26.85 5.16 16.65
C ALA C 388 -26.19 3.82 16.35
N PHE C 389 -26.64 3.15 15.29
CA PHE C 389 -26.06 1.87 14.85
C PHE C 389 -25.24 2.06 13.56
N ARG C 390 -24.01 1.57 13.54
CA ARG C 390 -23.06 1.79 12.43
C ARG C 390 -22.46 0.51 11.85
N GLU C 391 -22.24 0.54 10.55
CA GLU C 391 -22.16 -0.65 9.70
C GLU C 391 -21.13 -1.73 10.04
N LEU C 392 -20.25 -1.48 11.00
CA LEU C 392 -19.29 -2.49 11.53
C LEU C 392 -18.83 -3.71 10.70
N VAL C 393 -19.77 -4.47 10.12
CA VAL C 393 -19.46 -5.67 9.30
C VAL C 393 -20.36 -5.88 8.06
N SER C 394 -19.75 -6.28 6.94
CA SER C 394 -20.50 -6.71 5.75
C SER C 394 -20.04 -8.09 5.28
N CYS C 395 -21.02 -8.89 4.86
CA CYS C 395 -20.82 -10.22 4.30
C CYS C 395 -21.62 -10.31 3.02
N SER C 396 -20.98 -10.83 1.96
CA SER C 396 -21.62 -10.89 0.66
C SER C 396 -21.32 -12.20 -0.08
N ASN C 397 -22.33 -12.62 -0.86
CA ASN C 397 -22.25 -13.80 -1.71
C ASN C 397 -22.28 -13.37 -3.18
N CYS C 398 -21.12 -13.46 -3.84
CA CYS C 398 -20.98 -13.03 -5.23
C CYS C 398 -21.25 -14.13 -6.26
N THR C 399 -21.55 -15.34 -5.79
CA THR C 399 -21.83 -16.48 -6.65
C THR C 399 -20.72 -16.63 -7.68
N ASP C 400 -21.10 -16.78 -8.95
CA ASP C 400 -20.17 -17.10 -10.02
C ASP C 400 -19.59 -15.85 -10.70
N TYR C 401 -20.10 -14.67 -10.33
CA TYR C 401 -19.77 -13.43 -11.01
C TYR C 401 -18.26 -13.16 -11.07
N GLN C 402 -17.64 -12.96 -9.91
CA GLN C 402 -16.20 -12.77 -9.87
C GLN C 402 -15.54 -14.03 -10.37
N ALA C 403 -16.17 -15.17 -10.07
CA ALA C 403 -15.62 -16.47 -10.45
C ALA C 403 -15.42 -16.56 -11.95
N ARG C 404 -16.48 -16.22 -12.67
CA ARG C 404 -16.47 -16.24 -14.12
C ARG C 404 -15.39 -15.28 -14.60
N ARG C 405 -15.28 -14.14 -13.93
CA ARG C 405 -14.32 -13.11 -14.29
C ARG C 405 -12.86 -13.55 -14.11
N LEU C 406 -12.60 -14.34 -13.08
CA LEU C 406 -11.25 -14.72 -12.75
C LEU C 406 -10.88 -16.10 -13.25
N ARG C 407 -11.86 -16.78 -13.85
CA ARG C 407 -11.64 -18.12 -14.36
C ARG C 407 -11.21 -19.09 -13.24
N ILE C 408 -12.17 -19.33 -12.35
CA ILE C 408 -12.04 -20.28 -11.26
C ILE C 408 -13.21 -21.25 -11.32
N ARG C 409 -12.98 -22.42 -11.91
CA ARG C 409 -14.07 -23.36 -12.17
C ARG C 409 -14.14 -24.45 -11.13
N TYR C 410 -15.27 -25.16 -11.13
CA TYR C 410 -15.46 -26.35 -10.29
C TYR C 410 -14.67 -27.53 -10.84
N GLY C 411 -13.36 -27.49 -10.62
CA GLY C 411 -12.44 -28.55 -11.04
C GLY C 411 -12.56 -28.88 -12.51
N GLN C 412 -12.47 -30.16 -12.83
CA GLN C 412 -12.79 -30.66 -14.15
C GLN C 412 -14.32 -30.88 -14.26
N THR C 413 -15.02 -30.75 -13.12
CA THR C 413 -16.45 -31.05 -13.02
C THR C 413 -16.66 -32.56 -13.18
N LYS C 414 -17.85 -33.05 -12.85
CA LYS C 414 -18.14 -34.48 -12.94
C LYS C 414 -18.10 -35.02 -14.38
N LYS C 415 -18.66 -34.24 -15.32
CA LYS C 415 -18.68 -34.61 -16.75
C LYS C 415 -18.03 -33.52 -17.58
N MET C 416 -17.82 -33.83 -18.86
CA MET C 416 -17.24 -32.88 -19.81
C MET C 416 -18.22 -32.62 -20.95
N MET C 417 -17.91 -31.58 -21.74
CA MET C 417 -18.68 -31.20 -22.93
C MET C 417 -20.21 -31.08 -22.70
N ASP C 418 -20.61 -30.59 -21.51
CA ASP C 418 -22.02 -30.35 -21.17
C ASP C 418 -22.24 -28.85 -20.95
N LYS C 419 -21.56 -28.30 -19.95
CA LYS C 419 -21.48 -26.85 -19.68
C LYS C 419 -20.52 -26.62 -18.52
N VAL C 420 -19.61 -25.67 -18.68
CA VAL C 420 -18.62 -25.36 -17.62
C VAL C 420 -19.29 -24.52 -16.53
N GLU C 421 -19.27 -25.02 -15.31
CA GLU C 421 -19.85 -24.30 -14.18
C GLU C 421 -18.71 -23.76 -13.34
N PHE C 422 -18.87 -22.52 -12.88
CA PHE C 422 -17.84 -21.85 -12.10
C PHE C 422 -18.21 -21.93 -10.63
N VAL C 423 -17.20 -21.77 -9.75
CA VAL C 423 -17.41 -21.82 -8.28
C VAL C 423 -18.22 -20.63 -7.76
N HIS C 424 -18.68 -20.72 -6.51
CA HIS C 424 -19.33 -19.60 -5.88
C HIS C 424 -18.36 -19.12 -4.81
N MET C 425 -18.07 -17.82 -4.82
CA MET C 425 -17.12 -17.27 -3.87
C MET C 425 -17.76 -16.20 -3.02
N LEU C 426 -17.40 -16.18 -1.74
CA LEU C 426 -18.02 -15.29 -0.78
C LEU C 426 -16.98 -14.62 0.09
N ASN C 427 -17.31 -13.40 0.50
CA ASN C 427 -16.40 -12.52 1.20
C ASN C 427 -17.12 -11.86 2.35
N ALA C 428 -16.50 -11.85 3.52
CA ALA C 428 -17.06 -11.20 4.70
C ALA C 428 -15.99 -10.62 5.61
N THR C 429 -16.30 -9.47 6.21
CA THR C 429 -15.39 -8.77 7.11
C THR C 429 -15.56 -9.31 8.52
N MET C 430 -14.49 -9.84 9.09
CA MET C 430 -14.55 -10.31 10.46
C MET C 430 -14.48 -9.10 11.37
N CYS C 431 -13.43 -8.32 11.22
CA CYS C 431 -13.22 -7.21 12.12
C CYS C 431 -12.69 -5.98 11.39
N ALA C 432 -13.37 -4.86 11.57
CA ALA C 432 -12.85 -3.59 11.10
C ALA C 432 -12.20 -2.80 12.25
N THR C 433 -10.91 -3.04 12.43
CA THR C 433 -10.19 -2.65 13.65
C THR C 433 -10.58 -1.29 14.20
N THR C 434 -10.67 -0.27 13.36
CA THR C 434 -10.93 1.05 13.88
C THR C 434 -12.39 1.18 14.29
N ARG C 435 -13.30 0.67 13.46
CA ARG C 435 -14.74 0.78 13.78
C ARG C 435 -15.10 -0.10 14.97
N THR C 436 -14.53 -1.29 14.98
CA THR C 436 -14.60 -2.17 16.12
C THR C 436 -14.07 -1.42 17.36
N ILE C 437 -12.85 -0.87 17.28
CA ILE C 437 -12.31 -0.08 18.38
C ILE C 437 -13.29 1.00 18.79
N CYS C 438 -13.90 1.68 17.84
CA CYS C 438 -14.90 2.65 18.21
C CYS C 438 -16.09 2.00 18.92
N ALA C 439 -16.53 0.83 18.44
CA ALA C 439 -17.62 0.09 19.09
C ALA C 439 -17.32 -0.26 20.56
N ILE C 440 -16.16 -0.85 20.78
CA ILE C 440 -15.70 -1.18 22.11
C ILE C 440 -15.63 0.07 22.98
N LEU C 441 -14.99 1.14 22.50
CA LEU C 441 -14.82 2.36 23.31
C LEU C 441 -16.13 2.95 23.74
N GLU C 442 -17.18 2.77 22.93
CA GLU C 442 -18.51 3.26 23.29
C GLU C 442 -19.23 2.27 24.21
N ASN C 443 -18.90 0.98 24.10
CA ASN C 443 -19.57 -0.08 24.88
C ASN C 443 -18.92 -0.53 26.18
N TYR C 444 -17.65 -0.22 26.40
CA TYR C 444 -16.95 -0.59 27.64
C TYR C 444 -16.49 0.63 28.45
N GLN C 445 -16.90 1.81 27.99
CA GLN C 445 -16.54 3.05 28.64
C GLN C 445 -17.03 3.04 30.06
N THR C 446 -16.37 3.83 30.89
CA THR C 446 -16.78 4.09 32.25
C THR C 446 -16.48 5.56 32.55
N LYS C 447 -16.10 5.85 33.78
CA LYS C 447 -15.43 7.12 34.08
C LYS C 447 -13.95 6.90 34.36
N LYS C 448 -13.57 5.78 34.96
CA LYS C 448 -12.15 5.43 35.14
C LYS C 448 -11.42 5.25 33.81
N GLY C 449 -12.14 4.81 32.78
CA GLY C 449 -11.57 4.65 31.46
C GLY C 449 -12.44 3.73 30.64
N ILE C 450 -11.81 2.70 30.11
CA ILE C 450 -12.54 1.69 29.38
C ILE C 450 -12.26 0.39 30.09
N THR C 451 -13.25 -0.50 30.09
CA THR C 451 -13.08 -1.84 30.63
C THR C 451 -12.61 -2.75 29.52
N VAL C 452 -11.63 -3.61 29.79
CA VAL C 452 -11.18 -4.59 28.80
C VAL C 452 -12.16 -5.77 28.78
N PRO C 453 -12.65 -6.16 27.58
CA PRO C 453 -13.48 -7.38 27.39
C PRO C 453 -12.74 -8.66 27.69
N GLU C 454 -13.40 -9.59 28.38
CA GLU C 454 -12.71 -10.74 28.98
C GLU C 454 -11.74 -11.38 28.02
N LYS C 455 -12.20 -11.55 26.79
CA LYS C 455 -11.44 -12.31 25.84
C LYS C 455 -10.09 -11.64 25.54
N LEU C 456 -10.12 -10.31 25.44
CA LEU C 456 -8.94 -9.52 25.07
C LEU C 456 -7.98 -9.37 26.23
N LYS C 457 -8.51 -9.49 27.44
CA LYS C 457 -7.69 -9.39 28.64
C LYS C 457 -6.47 -10.26 28.48
N GLU C 458 -6.69 -11.44 27.96
CA GLU C 458 -5.61 -12.39 27.75
C GLU C 458 -4.45 -11.83 26.91
N PHE C 459 -4.76 -11.02 25.90
CA PHE C 459 -3.76 -10.57 24.94
C PHE C 459 -3.21 -9.20 25.28
N MET C 460 -3.88 -8.48 26.16
CA MET C 460 -3.36 -7.21 26.64
C MET C 460 -2.07 -7.46 27.41
N PRO C 461 -1.12 -6.52 27.35
CA PRO C 461 0.11 -6.65 28.11
C PRO C 461 -0.12 -6.37 29.60
N PRO C 462 0.75 -6.94 30.46
CA PRO C 462 0.55 -6.78 31.90
C PRO C 462 0.32 -5.31 32.26
N GLY C 463 -0.69 -5.07 33.08
CA GLY C 463 -1.00 -3.70 33.51
C GLY C 463 -2.15 -3.11 32.73
N LEU C 464 -2.41 -3.67 31.56
CA LEU C 464 -3.50 -3.19 30.75
C LEU C 464 -4.53 -4.28 30.53
N GLN C 465 -4.42 -5.37 31.29
CA GLN C 465 -5.38 -6.46 31.13
C GLN C 465 -6.75 -6.12 31.70
N GLU C 466 -6.79 -5.41 32.83
CA GLU C 466 -8.05 -5.09 33.51
C GLU C 466 -8.82 -3.95 32.83
N LEU C 467 -8.18 -2.79 32.72
CA LEU C 467 -8.83 -1.64 32.12
C LEU C 467 -7.81 -0.76 31.40
N ILE C 468 -8.32 0.31 30.79
CA ILE C 468 -7.49 1.31 30.14
C ILE C 468 -7.91 2.68 30.66
N PRO C 469 -6.97 3.40 31.34
CA PRO C 469 -7.30 4.61 32.09
C PRO C 469 -7.27 5.91 31.30
N PHE C 470 -8.22 6.81 31.55
CA PHE C 470 -8.13 8.17 31.00
C PHE C 470 -6.91 8.92 31.54
N VAL C 471 -6.39 9.85 30.73
CA VAL C 471 -5.29 10.71 31.15
C VAL C 471 -5.54 12.16 30.79
N LYS C 472 -6.48 12.39 29.90
CA LYS C 472 -6.76 13.73 29.42
C LYS C 472 -8.26 13.99 29.58
N PRO C 473 -8.68 15.25 29.45
CA PRO C 473 -10.09 15.60 29.50
C PRO C 473 -10.71 15.65 28.12
N ALA C 474 -12.02 15.45 28.05
CA ALA C 474 -12.75 15.50 26.78
C ALA C 474 -12.91 16.95 26.33
N PRO C 475 -12.74 17.21 25.02
CA PRO C 475 -12.90 18.57 24.50
C PRO C 475 -14.37 18.99 24.40
PG ANP D . 19.47 -3.71 2.52
O1G ANP D . 18.73 -4.99 2.68
O2G ANP D . 20.96 -3.94 2.40
O3G ANP D . 18.85 -2.77 1.47
PB ANP D . 19.16 -1.21 4.08
O1B ANP D . 18.77 -0.78 2.66
O2B ANP D . 20.43 -0.66 4.70
N3B ANP D . 19.26 -2.94 4.07
PA ANP D . 18.20 -0.74 6.64
O1A ANP D . 16.84 -0.37 7.19
O2A ANP D . 19.50 0.00 6.90
O3A ANP D . 17.95 -0.86 5.05
O5' ANP D . 18.51 -2.23 7.15
C5' ANP D . 17.98 -2.65 8.40
C4' ANP D . 16.53 -3.14 8.27
O4' ANP D . 15.90 -2.72 7.04
C3' ANP D . 16.43 -4.67 8.31
O3' ANP D . 16.13 -5.14 9.62
C2' ANP D . 15.34 -5.02 7.31
O2' ANP D . 14.13 -5.43 7.91
C1' ANP D . 15.00 -3.75 6.60
N9 ANP D . 14.96 -3.98 5.12
C8 ANP D . 15.71 -3.39 4.16
N7 ANP D . 15.34 -3.85 2.94
C5 ANP D . 14.35 -4.73 3.12
C6 ANP D . 13.50 -5.58 2.26
N6 ANP D . 13.69 -5.52 0.92
N1 ANP D . 12.57 -6.36 2.85
C2 ANP D . 12.39 -6.42 4.19
N3 ANP D . 13.14 -5.67 5.02
C4 ANP D . 14.10 -4.83 4.56
N SER E . 16.58 4.08 11.27
CA SER E . 16.29 2.68 10.86
C SER E . 15.73 2.63 9.47
O SER E . 15.18 3.59 8.92
CB SER E . 15.35 2.00 11.87
OG SER E . 14.49 1.07 11.23
OXT SER E . 15.83 1.58 8.86
N SER F . -15.30 -6.91 0.59
CA SER F . -16.11 -7.16 1.82
C SER F . -16.23 -5.88 2.63
O SER F . -15.25 -5.39 3.21
CB SER F . -15.53 -8.30 2.69
OG SER F . -14.35 -7.94 3.38
OXT SER F . -17.31 -5.31 2.72
PG ANP G . -18.99 3.14 4.25
O1G ANP G . -18.55 3.60 5.60
O2G ANP G . -20.42 3.56 4.00
O3G ANP G . -18.03 3.40 3.08
PB ANP G . -18.95 0.59 2.92
O1B ANP G . -18.51 1.56 1.84
O2B ANP G . -20.29 -0.12 2.84
N3B ANP G . -19.01 1.42 4.43
PA ANP G . -18.18 -2.02 3.34
O1A ANP G . -16.82 -2.68 3.33
O2A ANP G . -19.39 -2.56 2.59
O3A ANP G . -17.79 -0.51 2.94
O5' ANP G . -18.82 -1.85 4.80
C5' ANP G . -18.01 -1.43 5.90
C4' ANP G . -16.79 -2.31 6.21
O4' ANP G . -15.54 -1.79 5.71
C3' ANP G . -16.58 -2.31 7.72
O3' ANP G . -15.89 -3.51 8.03
C2' ANP G . -15.82 -0.99 7.90
O2' ANP G . -15.10 -0.81 9.13
C1' ANP G . -14.95 -0.87 6.67
N9 ANP G . -14.90 0.57 6.25
C8 ANP G . -15.69 1.19 5.34
N7 ANP G . -15.38 2.48 5.21
C5 ANP G . -14.38 2.74 6.04
C6 ANP G . -13.58 3.94 6.39
N6 ANP G . -13.82 5.13 5.78
N1 ANP G . -12.60 3.78 7.32
C2 ANP G . -12.38 2.61 7.94
N3 ANP G . -13.08 1.49 7.65
C4 ANP G . -14.07 1.49 6.74
#